data_7U57
#
_entry.id   7U57
#
_cell.length_a   171.079
_cell.length_b   51.033
_cell.length_c   106.863
_cell.angle_alpha   90.000
_cell.angle_beta   112.590
_cell.angle_gamma   90.000
#
_symmetry.space_group_name_H-M   'C 1 2 1'
#
loop_
_entity.id
_entity.type
_entity.pdbx_description
1 polymer Beta-lactamase
2 non-polymer 'SULFATE ION'
3 water water
#
_entity_poly.entity_id   1
_entity_poly.type   'polypeptide(L)'
_entity_poly.pdbx_seq_one_letter_code
;MVKKSLRQFTLMATATVTLLLGSVPLYPLTADVQQKLAELERQSGGRLGVALINTADNSQILYRADERFAMCSTSKVMAA
AAVLKKSESEPNLLNQRVEIKKSDLVNYNPIAEKHVNGTMSLAELSAAALQYSDNVAMNKLIAHVGGPASVTAFARQLGD
ETFRLDRTEPTLNTAIPGDPRDTTSPRAMAQTLRNLTLGKALGDSQRAQLVTWMKGNTTGAASIQAGLPASWVVGDKTGS
GGYGTTNDIAVIWPKDRAPLILVTYFTQPQPKAESRRDVLASAAKIVTDGL
;
_entity_poly.pdbx_strand_id   A,B,C
#
loop_
_chem_comp.id
_chem_comp.type
_chem_comp.name
_chem_comp.formula
SO4 non-polymer 'SULFATE ION' 'O4 S -2'
#
# COMPACT_ATOMS: atom_id res chain seq x y z
N PRO A 28 0.32 -13.62 -19.69
CA PRO A 28 0.23 -12.66 -20.81
C PRO A 28 -0.97 -11.67 -20.72
N LEU A 29 -1.19 -10.83 -21.78
CA LEU A 29 -2.42 -10.03 -21.91
C LEU A 29 -2.91 -9.95 -23.37
N THR A 30 -2.56 -8.88 -24.13
CA THR A 30 -3.09 -8.66 -25.49
C THR A 30 -1.97 -8.29 -26.47
N ALA A 31 -2.33 -8.16 -27.76
CA ALA A 31 -1.34 -7.87 -28.81
C ALA A 31 -0.96 -6.39 -28.84
N ASP A 32 -1.79 -5.54 -28.29
CA ASP A 32 -1.56 -4.12 -28.30
C ASP A 32 -0.77 -3.65 -27.07
N VAL A 33 -0.61 -4.47 -26.03
CA VAL A 33 0.28 -4.05 -24.95
C VAL A 33 1.69 -3.87 -25.51
N GLN A 34 2.18 -4.88 -26.24
CA GLN A 34 3.49 -4.80 -26.86
C GLN A 34 3.59 -3.63 -27.82
N GLN A 35 2.57 -3.44 -28.67
CA GLN A 35 2.56 -2.27 -29.55
C GLN A 35 2.56 -0.98 -28.75
N LYS A 36 1.77 -0.90 -27.66
CA LYS A 36 1.73 0.33 -26.87
C LYS A 36 3.05 0.54 -26.13
N LEU A 37 3.64 -0.56 -25.64
CA LEU A 37 4.94 -0.51 -24.96
C LEU A 37 6.02 0.01 -25.90
N ALA A 38 6.13 -0.60 -27.10
CA ALA A 38 7.08 -0.13 -28.08
C ALA A 38 6.81 1.32 -28.45
N GLU A 39 5.54 1.68 -28.58
CA GLU A 39 5.18 3.10 -28.76
C GLU A 39 5.78 3.92 -27.62
N LEU A 40 5.50 3.51 -26.38
CA LEU A 40 6.00 4.23 -25.21
C LEU A 40 7.49 4.37 -25.31
N GLU A 41 8.17 3.28 -25.64
CA GLU A 41 9.62 3.24 -25.71
C GLU A 41 10.11 4.20 -26.77
N ARG A 42 9.64 4.04 -27.99
CA ARG A 42 10.11 4.90 -29.06
C ARG A 42 9.83 6.34 -28.72
N GLN A 43 8.59 6.64 -28.33
CA GLN A 43 8.29 8.04 -28.03
C GLN A 43 9.08 8.53 -26.82
N SER A 44 9.53 7.64 -25.93
CA SER A 44 10.22 8.11 -24.74
C SER A 44 11.69 8.43 -25.00
N GLY A 45 12.23 8.01 -26.12
CA GLY A 45 13.61 8.34 -26.40
C GLY A 45 14.58 7.49 -25.64
N GLY A 46 14.29 6.20 -25.51
CA GLY A 46 15.25 5.32 -24.87
C GLY A 46 15.10 3.83 -25.11
N ARG A 47 15.35 3.08 -24.04
CA ARG A 47 15.29 1.63 -24.02
C ARG A 47 14.53 1.24 -22.78
N LEU A 48 13.61 0.30 -22.92
CA LEU A 48 12.65 0.00 -21.87
C LEU A 48 12.56 -1.51 -21.66
N GLY A 49 12.57 -1.93 -20.42
CA GLY A 49 12.42 -3.34 -20.08
C GLY A 49 11.34 -3.49 -19.03
N VAL A 50 10.51 -4.50 -19.23
CA VAL A 50 9.40 -4.68 -18.33
C VAL A 50 9.17 -6.15 -18.07
N ALA A 51 8.73 -6.46 -16.87
CA ALA A 51 8.27 -7.80 -16.58
C ALA A 51 7.21 -7.67 -15.51
N LEU A 52 6.01 -8.18 -15.82
CA LEU A 52 4.92 -8.18 -14.86
C LEU A 52 4.51 -9.60 -14.57
N ILE A 53 4.32 -9.92 -13.30
CA ILE A 53 3.74 -11.21 -12.91
C ILE A 53 2.40 -10.95 -12.20
N ASN A 54 1.38 -11.68 -12.62
CA ASN A 54 0.07 -11.62 -11.97
C ASN A 54 -0.10 -12.92 -11.21
N THR A 55 -0.10 -12.82 -9.88
CA THR A 55 -0.16 -14.03 -9.08
C THR A 55 -1.53 -14.65 -9.17
N ALA A 56 -2.54 -13.87 -9.61
CA ALA A 56 -3.86 -14.44 -9.82
C ALA A 56 -3.79 -15.64 -10.77
N ASP A 57 -3.09 -15.53 -11.88
CA ASP A 57 -3.04 -16.64 -12.82
C ASP A 57 -1.65 -16.94 -13.36
N ASN A 58 -0.60 -16.39 -12.76
CA ASN A 58 0.76 -16.53 -13.29
C ASN A 58 0.84 -16.19 -14.76
N SER A 59 0.11 -15.16 -15.15
CA SER A 59 0.35 -14.53 -16.44
C SER A 59 1.51 -13.56 -16.29
N GLN A 60 2.34 -13.46 -17.33
CA GLN A 60 3.42 -12.48 -17.34
C GLN A 60 3.23 -11.57 -18.55
N ILE A 61 3.49 -10.29 -18.36
CA ILE A 61 3.76 -9.36 -19.45
C ILE A 61 5.24 -9.04 -19.43
N LEU A 62 5.87 -9.18 -20.59
CA LEU A 62 7.32 -9.06 -20.69
C LEU A 62 7.67 -8.21 -21.90
N TYR A 63 8.32 -7.09 -21.64
CA TYR A 63 8.96 -6.32 -22.67
C TYR A 63 10.46 -6.29 -22.44
N ARG A 64 11.23 -6.56 -23.48
CA ARG A 64 12.68 -6.70 -23.47
C ARG A 64 13.18 -7.38 -22.21
N ALA A 65 12.43 -8.35 -21.73
CA ALA A 65 12.63 -8.88 -20.39
C ALA A 65 13.76 -9.89 -20.30
N ASP A 66 14.50 -10.11 -21.37
CA ASP A 66 15.67 -10.96 -21.32
C ASP A 66 16.97 -10.18 -21.51
N GLU A 67 16.89 -8.87 -21.79
CA GLU A 67 18.04 -7.97 -21.90
C GLU A 67 18.47 -7.45 -20.53
N ARG A 68 19.75 -7.10 -20.46
CA ARG A 68 20.40 -6.69 -19.24
C ARG A 68 20.17 -5.21 -19.09
N PHE A 69 19.79 -4.82 -17.87
CA PHE A 69 19.60 -3.42 -17.49
C PHE A 69 20.37 -3.14 -16.20
N ALA A 70 20.82 -1.90 -16.04
CA ALA A 70 21.62 -1.59 -14.86
C ALA A 70 20.67 -1.38 -13.69
N MET A 71 20.90 -2.11 -12.61
CA MET A 71 19.98 -2.03 -11.47
C MET A 71 20.00 -0.67 -10.78
N CYS A 72 21.15 -0.01 -10.71
CA CYS A 72 21.21 1.20 -9.87
C CYS A 72 20.63 0.92 -8.48
N SER A 73 19.93 1.85 -7.84
CA SER A 73 19.55 1.59 -6.44
C SER A 73 18.53 0.46 -6.29
N THR A 74 17.94 -0.04 -7.37
CA THR A 74 17.04 -1.17 -7.17
C THR A 74 17.82 -2.32 -6.55
N SER A 75 19.16 -2.35 -6.75
CA SER A 75 19.93 -3.47 -6.24
C SER A 75 19.90 -3.53 -4.72
N LYS A 76 19.44 -2.48 -4.05
CA LYS A 76 19.45 -2.48 -2.59
C LYS A 76 18.51 -3.52 -2.03
N VAL A 77 17.55 -3.97 -2.84
CA VAL A 77 16.68 -5.02 -2.37
C VAL A 77 17.50 -6.29 -2.19
N MET A 78 18.35 -6.61 -3.15
CA MET A 78 19.13 -7.84 -3.03
C MET A 78 20.05 -7.77 -1.83
N ALA A 79 20.57 -6.59 -1.53
CA ALA A 79 21.46 -6.46 -0.39
C ALA A 79 20.73 -6.72 0.92
N ALA A 80 19.69 -5.92 1.23
CA ALA A 80 18.98 -6.11 2.49
C ALA A 80 18.45 -7.53 2.64
N ALA A 81 18.16 -8.19 1.53
CA ALA A 81 17.57 -9.51 1.56
C ALA A 81 18.61 -10.59 1.78
N ALA A 82 19.75 -10.48 1.09
CA ALA A 82 20.91 -11.32 1.39
C ALA A 82 21.24 -11.38 2.88
N VAL A 83 21.17 -10.23 3.58
CA VAL A 83 21.34 -10.18 5.03
C VAL A 83 20.19 -10.91 5.73
N LEU A 84 18.95 -10.56 5.40
CA LEU A 84 17.79 -11.20 6.00
C LEU A 84 17.93 -12.70 6.02
N LYS A 85 18.31 -13.28 4.89
CA LYS A 85 18.59 -14.72 4.88
C LYS A 85 19.61 -15.11 5.96
N LYS A 86 20.71 -14.34 6.09
CA LYS A 86 21.71 -14.69 7.10
C LYS A 86 21.11 -14.66 8.52
N SER A 87 20.28 -13.65 8.82
CA SER A 87 19.61 -13.59 10.11
C SER A 87 18.87 -14.89 10.44
N GLU A 88 18.51 -15.69 9.43
CA GLU A 88 17.79 -16.93 9.68
C GLU A 88 18.70 -18.04 10.18
N SER A 89 20.01 -17.87 10.07
CA SER A 89 21.00 -18.79 10.64
C SER A 89 21.92 -18.06 11.61
N GLU A 90 21.46 -16.96 12.19
CA GLU A 90 22.25 -16.17 13.14
C GLU A 90 21.26 -15.48 14.05
N PRO A 91 20.83 -16.15 15.14
CA PRO A 91 19.59 -15.73 15.84
C PRO A 91 19.49 -14.24 16.14
N ASN A 92 20.63 -13.56 16.18
CA ASN A 92 20.63 -12.12 16.28
C ASN A 92 20.98 -11.52 14.93
N LEU A 93 22.25 -11.22 14.69
CA LEU A 93 22.70 -10.58 13.47
C LEU A 93 22.02 -9.25 13.16
N LEU A 94 20.69 -9.24 13.01
CA LEU A 94 20.01 -8.02 12.60
C LEU A 94 20.21 -6.89 13.60
N ASN A 95 20.57 -7.21 14.84
CA ASN A 95 20.86 -6.16 15.80
C ASN A 95 22.34 -5.86 15.93
N GLN A 96 23.22 -6.75 15.45
CA GLN A 96 24.64 -6.42 15.32
C GLN A 96 24.82 -4.98 14.88
N ARG A 97 25.62 -4.23 15.65
CA ARG A 97 25.90 -2.83 15.36
C ARG A 97 27.13 -2.73 14.46
N VAL A 98 27.14 -1.68 13.64
CA VAL A 98 28.14 -1.51 12.59
C VAL A 98 28.64 -0.09 12.64
N GLU A 99 29.94 0.09 12.58
CA GLU A 99 30.50 1.42 12.76
C GLU A 99 30.36 2.24 11.49
N ILE A 100 29.99 3.51 11.69
CA ILE A 100 29.90 4.49 10.60
C ILE A 100 31.05 5.46 10.78
N LYS A 101 31.85 5.65 9.75
CA LYS A 101 33.06 6.45 9.86
C LYS A 101 33.02 7.59 8.87
N LYS A 102 33.76 8.65 9.19
CA LYS A 102 33.81 9.81 8.30
C LYS A 102 34.23 9.38 6.91
N SER A 103 35.14 8.41 6.83
CA SER A 103 35.65 7.99 5.53
C SER A 103 34.65 7.16 4.75
N ASP A 104 33.51 6.82 5.35
CA ASP A 104 32.50 6.01 4.71
C ASP A 104 31.59 6.83 3.80
N LEU A 105 31.70 8.14 3.83
CA LEU A 105 30.63 8.95 3.32
C LEU A 105 30.72 9.04 1.80
N VAL A 106 29.55 8.92 1.19
CA VAL A 106 29.35 9.04 -0.25
C VAL A 106 28.10 9.87 -0.46
N ASN A 107 27.95 10.36 -1.70
CA ASN A 107 27.02 11.39 -2.09
C ASN A 107 25.70 11.49 -1.33
N TYR A 108 25.01 10.38 -1.10
CA TYR A 108 23.66 10.43 -0.55
C TYR A 108 23.50 9.45 0.61
N ASN A 109 23.38 9.99 1.82
CA ASN A 109 23.39 9.17 3.03
C ASN A 109 22.39 9.71 4.05
N PRO A 110 21.17 9.99 3.62
CA PRO A 110 20.22 10.72 4.47
C PRO A 110 20.13 10.29 5.91
N ILE A 111 20.48 9.04 6.20
CA ILE A 111 20.34 8.48 7.53
C ILE A 111 21.70 8.38 8.24
N ALA A 112 22.65 7.64 7.64
CA ALA A 112 23.94 7.40 8.30
C ALA A 112 24.66 8.70 8.69
N GLU A 113 24.43 9.77 7.96
CA GLU A 113 25.01 11.05 8.33
C GLU A 113 24.68 11.43 9.78
N LYS A 114 23.64 10.81 10.36
CA LYS A 114 23.16 11.13 11.70
C LYS A 114 23.79 10.22 12.74
N HIS A 115 24.61 9.27 12.30
CA HIS A 115 25.24 8.33 13.22
C HIS A 115 26.69 8.17 12.89
N VAL A 116 27.32 9.23 12.44
CA VAL A 116 28.74 9.19 12.17
C VAL A 116 29.47 9.24 13.50
N ASN A 117 30.49 8.39 13.66
CA ASN A 117 31.18 8.10 14.91
C ASN A 117 30.27 7.37 15.87
N GLY A 118 29.12 6.90 15.38
CA GLY A 118 28.23 6.06 16.14
C GLY A 118 28.08 4.78 15.37
N THR A 119 26.97 4.08 15.59
CA THR A 119 26.73 2.77 15.03
C THR A 119 25.35 2.75 14.41
N MET A 120 25.11 1.73 13.59
CA MET A 120 23.77 1.40 13.13
C MET A 120 23.69 -0.12 13.04
N SER A 121 22.64 -0.69 13.62
CA SER A 121 22.40 -2.11 13.46
C SER A 121 22.13 -2.44 12.01
N LEU A 122 22.26 -3.72 11.68
CA LEU A 122 22.02 -4.14 10.30
C LEU A 122 20.58 -3.84 9.88
N ALA A 123 19.64 -3.98 10.81
CA ALA A 123 18.26 -3.58 10.54
C ALA A 123 18.17 -2.10 10.26
N GLU A 124 18.84 -1.27 11.06
CA GLU A 124 18.73 0.16 10.81
C GLU A 124 19.28 0.48 9.44
N LEU A 125 20.31 -0.28 9.02
CA LEU A 125 21.03 -0.04 7.78
C LEU A 125 20.20 -0.44 6.58
N SER A 126 19.76 -1.72 6.58
CA SER A 126 18.77 -2.19 5.62
C SER A 126 17.60 -1.21 5.51
N ALA A 127 17.02 -0.86 6.64
CA ALA A 127 15.90 0.08 6.67
C ALA A 127 16.26 1.35 5.94
N ALA A 128 17.45 1.87 6.24
CA ALA A 128 17.87 3.14 5.67
C ALA A 128 18.15 3.00 4.19
N ALA A 129 18.72 1.85 3.81
CA ALA A 129 19.02 1.60 2.41
C ALA A 129 17.74 1.45 1.59
N LEU A 130 16.77 0.72 2.11
CA LEU A 130 15.57 0.47 1.33
C LEU A 130 14.65 1.68 1.30
N GLN A 131 14.47 2.37 2.42
CA GLN A 131 13.43 3.39 2.45
C GLN A 131 13.93 4.76 2.10
N TYR A 132 15.24 4.91 2.06
CA TYR A 132 15.84 6.21 1.79
C TYR A 132 16.96 6.13 0.79
N SER A 133 17.24 4.94 0.26
CA SER A 133 18.29 4.78 -0.73
C SER A 133 19.63 5.27 -0.18
N ASP A 134 19.91 4.97 1.09
CA ASP A 134 21.08 5.52 1.77
C ASP A 134 22.33 4.78 1.26
N ASN A 135 23.13 5.49 0.43
CA ASN A 135 24.24 4.84 -0.24
C ASN A 135 25.29 4.36 0.75
N VAL A 136 25.49 5.10 1.83
CA VAL A 136 26.38 4.67 2.89
C VAL A 136 25.85 3.37 3.49
N ALA A 137 24.56 3.34 3.80
CA ALA A 137 23.91 2.12 4.27
C ALA A 137 24.19 0.96 3.33
N MET A 138 23.93 1.15 2.03
CA MET A 138 24.16 0.10 1.03
C MET A 138 25.57 -0.48 1.08
N ASN A 139 26.56 0.39 1.21
CA ASN A 139 27.92 -0.11 1.25
C ASN A 139 28.16 -0.95 2.47
N LYS A 140 27.58 -0.55 3.61
CA LYS A 140 27.67 -1.34 4.83
C LYS A 140 26.98 -2.68 4.65
N LEU A 141 25.92 -2.73 3.84
CA LEU A 141 25.31 -4.02 3.60
C LEU A 141 26.20 -4.87 2.74
N ILE A 142 26.73 -4.31 1.64
CA ILE A 142 27.65 -5.10 0.82
C ILE A 142 28.80 -5.57 1.67
N ALA A 143 29.37 -4.66 2.44
CA ALA A 143 30.54 -4.99 3.25
C ALA A 143 30.25 -6.22 4.10
N HIS A 144 29.16 -6.15 4.85
CA HIS A 144 28.86 -7.20 5.79
C HIS A 144 28.70 -8.57 5.16
N VAL A 145 28.25 -8.65 3.92
CA VAL A 145 28.03 -9.93 3.27
C VAL A 145 29.20 -10.36 2.39
N GLY A 146 30.28 -9.62 2.43
CA GLY A 146 31.50 -10.03 1.76
C GLY A 146 31.70 -9.50 0.37
N GLY A 147 31.05 -8.41 0.02
CA GLY A 147 31.29 -7.79 -1.25
C GLY A 147 30.38 -8.24 -2.38
N PRO A 148 30.52 -7.55 -3.49
CA PRO A 148 29.59 -7.77 -4.61
C PRO A 148 29.40 -9.24 -4.96
N ALA A 149 30.49 -10.00 -5.00
CA ALA A 149 30.36 -11.35 -5.51
C ALA A 149 29.45 -12.19 -4.60
N SER A 150 29.48 -11.93 -3.29
CA SER A 150 28.68 -12.72 -2.35
CA SER A 150 28.67 -12.73 -2.38
C SER A 150 27.21 -12.30 -2.37
N VAL A 151 26.92 -11.06 -2.74
CA VAL A 151 25.54 -10.68 -3.06
C VAL A 151 25.04 -11.40 -4.30
N THR A 152 25.89 -11.47 -5.34
CA THR A 152 25.54 -12.26 -6.51
C THR A 152 25.32 -13.72 -6.14
N ALA A 153 26.28 -14.34 -5.47
CA ALA A 153 26.09 -15.73 -5.07
C ALA A 153 24.80 -15.92 -4.28
N PHE A 154 24.35 -14.88 -3.59
CA PHE A 154 23.07 -14.98 -2.90
C PHE A 154 21.93 -15.12 -3.89
N ALA A 155 21.91 -14.26 -4.92
CA ALA A 155 20.91 -14.36 -5.98
C ALA A 155 20.95 -15.73 -6.65
N ARG A 156 22.16 -16.25 -6.89
CA ARG A 156 22.26 -17.57 -7.51
C ARG A 156 21.52 -18.61 -6.68
N GLN A 157 21.78 -18.65 -5.37
CA GLN A 157 21.14 -19.68 -4.55
C GLN A 157 19.63 -19.53 -4.55
N LEU A 158 19.11 -18.34 -4.93
CA LEU A 158 17.67 -18.12 -5.11
C LEU A 158 17.14 -18.53 -6.48
N GLY A 159 17.98 -19.15 -7.31
CA GLY A 159 17.58 -19.51 -8.66
C GLY A 159 17.73 -18.41 -9.69
N ASP A 160 18.24 -17.25 -9.29
CA ASP A 160 18.51 -16.15 -10.22
C ASP A 160 19.94 -16.29 -10.73
N GLU A 161 20.09 -16.72 -11.99
CA GLU A 161 21.40 -16.86 -12.61
C GLU A 161 21.71 -15.70 -13.53
N THR A 162 21.00 -14.60 -13.34
CA THR A 162 21.21 -13.42 -14.15
C THR A 162 21.73 -12.24 -13.36
N PHE A 163 21.08 -11.91 -12.26
CA PHE A 163 21.56 -10.84 -11.40
C PHE A 163 23.06 -10.97 -11.21
N ARG A 164 23.77 -9.85 -11.41
CA ARG A 164 25.15 -9.72 -10.93
C ARG A 164 25.38 -8.33 -10.36
N LEU A 165 25.95 -8.29 -9.16
CA LEU A 165 26.45 -7.06 -8.56
C LEU A 165 27.96 -7.13 -8.55
N ASP A 166 28.61 -6.09 -9.08
CA ASP A 166 30.04 -6.09 -9.37
C ASP A 166 30.80 -5.00 -8.64
N ARG A 167 30.16 -3.86 -8.38
CA ARG A 167 30.78 -2.70 -7.80
C ARG A 167 30.06 -2.23 -6.55
N THR A 168 30.44 -1.08 -6.04
CA THR A 168 29.98 -0.53 -4.79
C THR A 168 29.27 0.78 -5.05
N GLU A 169 28.60 1.32 -4.04
CA GLU A 169 28.19 2.71 -4.11
C GLU A 169 29.45 3.55 -4.21
N PRO A 170 29.50 4.59 -5.06
CA PRO A 170 28.46 5.04 -6.02
C PRO A 170 28.56 4.49 -7.45
N THR A 171 29.64 3.76 -7.73
CA THR A 171 30.01 3.43 -9.11
C THR A 171 29.07 2.41 -9.75
N LEU A 172 28.33 1.65 -8.98
CA LEU A 172 27.47 0.64 -9.57
C LEU A 172 26.30 1.23 -10.36
N ASN A 173 26.12 2.56 -10.35
CA ASN A 173 25.06 3.25 -11.07
C ASN A 173 25.51 3.85 -12.40
N THR A 174 26.70 3.51 -12.87
CA THR A 174 27.20 4.14 -14.08
C THR A 174 26.22 3.91 -15.21
N ALA A 175 25.77 2.66 -15.32
CA ALA A 175 24.76 2.27 -16.28
C ALA A 175 25.14 2.74 -17.68
N ILE A 176 26.21 2.15 -18.17
CA ILE A 176 26.79 2.55 -19.44
C ILE A 176 26.25 1.52 -20.40
N PRO A 177 25.94 1.87 -21.65
CA PRO A 177 25.28 0.89 -22.52
C PRO A 177 26.31 -0.14 -22.94
N GLY A 178 25.85 -1.39 -23.02
CA GLY A 178 26.69 -2.50 -23.33
C GLY A 178 27.35 -3.13 -22.13
N ASP A 179 27.36 -2.44 -20.98
CA ASP A 179 28.17 -2.89 -19.84
C ASP A 179 27.35 -3.83 -18.98
N PRO A 180 27.74 -5.10 -18.87
CA PRO A 180 26.94 -6.07 -18.08
C PRO A 180 27.02 -5.88 -16.60
N ARG A 181 27.84 -4.96 -16.12
CA ARG A 181 28.09 -4.91 -14.70
C ARG A 181 26.86 -4.37 -13.97
N ASP A 182 26.56 -4.97 -12.80
CA ASP A 182 25.49 -4.49 -11.93
C ASP A 182 24.19 -4.41 -12.70
N THR A 183 24.01 -5.35 -13.61
CA THR A 183 22.76 -5.49 -14.32
C THR A 183 22.03 -6.74 -13.83
N THR A 184 20.75 -6.81 -14.21
CA THR A 184 19.96 -8.02 -14.24
C THR A 184 18.96 -7.82 -15.37
N SER A 185 18.15 -8.92 -15.67
CA SER A 185 17.06 -8.86 -16.63
C SER A 185 15.75 -8.67 -15.90
N PRO A 186 14.82 -7.97 -16.55
CA PRO A 186 13.50 -7.77 -15.92
C PRO A 186 12.78 -9.06 -15.56
N ARG A 187 12.81 -10.04 -16.44
CA ARG A 187 12.29 -11.34 -16.07
C ARG A 187 12.95 -11.81 -14.79
N ALA A 188 14.27 -11.91 -14.80
CA ALA A 188 14.99 -12.42 -13.64
C ALA A 188 14.53 -11.75 -12.36
N MET A 189 14.34 -10.45 -12.40
CA MET A 189 14.18 -9.71 -11.17
C MET A 189 12.74 -9.71 -10.71
N ALA A 190 11.80 -9.76 -11.66
CA ALA A 190 10.39 -9.94 -11.30
C ALA A 190 10.19 -11.26 -10.57
N GLN A 191 10.73 -12.34 -11.12
CA GLN A 191 10.64 -13.63 -10.46
C GLN A 191 11.40 -13.64 -9.13
N THR A 192 12.68 -13.23 -9.14
CA THR A 192 13.40 -13.19 -7.88
C THR A 192 12.63 -12.40 -6.83
N LEU A 193 12.10 -11.23 -7.22
CA LEU A 193 11.32 -10.41 -6.28
C LEU A 193 10.06 -11.13 -5.78
N ARG A 194 9.33 -11.78 -6.69
CA ARG A 194 8.17 -12.56 -6.28
C ARG A 194 8.53 -13.58 -5.20
N ASN A 195 9.63 -14.31 -5.42
CA ASN A 195 10.05 -15.28 -4.43
C ASN A 195 10.34 -14.63 -3.09
N LEU A 196 11.05 -13.50 -3.11
CA LEU A 196 11.48 -12.87 -1.87
C LEU A 196 10.30 -12.30 -1.10
N THR A 197 9.40 -11.60 -1.79
CA THR A 197 8.42 -10.83 -1.05
C THR A 197 7.12 -11.57 -0.83
N LEU A 198 6.85 -12.60 -1.64
CA LEU A 198 5.58 -13.30 -1.62
C LEU A 198 5.76 -14.78 -1.43
N GLY A 199 6.81 -15.31 -2.04
CA GLY A 199 7.13 -16.71 -1.95
C GLY A 199 7.89 -17.00 -0.67
N LYS A 200 8.77 -18.01 -0.76
CA LYS A 200 9.44 -18.63 0.38
C LYS A 200 10.96 -18.60 0.19
N ALA A 201 11.47 -17.62 -0.54
CA ALA A 201 12.91 -17.48 -0.57
C ALA A 201 13.43 -17.06 0.78
N LEU A 202 12.57 -16.45 1.58
CA LEU A 202 12.91 -16.05 2.93
C LEU A 202 11.97 -16.70 3.92
N GLY A 203 12.38 -16.72 5.19
CA GLY A 203 11.50 -17.15 6.26
C GLY A 203 10.24 -16.32 6.24
N ASP A 204 9.25 -16.77 7.01
CA ASP A 204 8.00 -16.02 7.04
C ASP A 204 8.24 -14.61 7.57
N SER A 205 9.00 -14.49 8.66
CA SER A 205 9.16 -13.21 9.36
C SER A 205 10.17 -12.29 8.68
N GLN A 206 11.15 -12.87 7.99
CA GLN A 206 12.05 -12.09 7.16
C GLN A 206 11.30 -11.53 5.94
N ARG A 207 10.54 -12.40 5.26
CA ARG A 207 9.68 -11.97 4.17
CA ARG A 207 9.68 -11.97 4.17
C ARG A 207 8.82 -10.79 4.58
N ALA A 208 8.12 -10.91 5.71
CA ALA A 208 7.29 -9.82 6.14
C ALA A 208 8.15 -8.57 6.34
N GLN A 209 9.31 -8.74 6.96
CA GLN A 209 10.13 -7.58 7.24
C GLN A 209 10.53 -6.89 5.96
N LEU A 210 10.95 -7.67 4.95
CA LEU A 210 11.29 -7.08 3.65
C LEU A 210 10.11 -6.33 3.05
N VAL A 211 8.90 -6.89 3.21
CA VAL A 211 7.68 -6.23 2.75
C VAL A 211 7.47 -4.95 3.53
N THR A 212 7.65 -5.02 4.83
CA THR A 212 7.50 -3.83 5.65
C THR A 212 8.41 -2.71 5.16
N TRP A 213 9.68 -3.02 4.86
CA TRP A 213 10.63 -1.98 4.44
C TRP A 213 10.22 -1.41 3.09
N MET A 214 9.87 -2.29 2.15
CA MET A 214 9.54 -1.81 0.82
C MET A 214 8.32 -0.93 0.89
N LYS A 215 7.32 -1.34 1.67
CA LYS A 215 6.07 -0.58 1.74
C LYS A 215 6.30 0.76 2.32
N GLY A 216 7.41 0.98 3.01
CA GLY A 216 7.70 2.25 3.64
C GLY A 216 8.59 3.16 2.85
N ASN A 217 9.06 2.69 1.69
CA ASN A 217 9.90 3.46 0.79
C ASN A 217 9.31 4.84 0.62
N THR A 218 10.16 5.84 0.70
CA THR A 218 9.70 7.21 0.69
C THR A 218 9.73 7.81 -0.70
N THR A 219 10.49 7.21 -1.62
CA THR A 219 10.91 7.85 -2.85
C THR A 219 10.10 7.49 -4.11
N GLY A 220 9.16 6.54 -4.04
CA GLY A 220 8.71 5.82 -5.20
C GLY A 220 7.41 6.28 -5.84
N ALA A 221 6.89 7.46 -5.48
CA ALA A 221 5.52 7.82 -5.80
C ALA A 221 5.36 8.24 -7.26
N ALA A 222 6.34 8.93 -7.82
CA ALA A 222 6.19 9.45 -9.17
C ALA A 222 6.43 8.40 -10.21
N SER A 223 6.82 7.20 -9.78
CA SER A 223 7.24 6.14 -10.69
C SER A 223 6.09 5.13 -10.87
N ILE A 224 6.31 3.84 -10.75
CA ILE A 224 5.28 2.86 -11.05
C ILE A 224 3.98 3.37 -10.46
N GLN A 225 3.97 3.55 -9.15
CA GLN A 225 2.80 3.97 -8.38
C GLN A 225 1.98 5.05 -9.06
N ALA A 226 2.63 5.98 -9.75
CA ALA A 226 1.88 6.97 -10.52
C ALA A 226 1.05 6.38 -11.66
N GLY A 227 1.23 5.11 -11.98
CA GLY A 227 0.62 4.51 -13.15
C GLY A 227 -0.41 3.54 -12.70
N LEU A 228 -0.71 3.43 -11.42
CA LEU A 228 -1.64 2.46 -10.92
C LEU A 228 -2.82 3.16 -10.28
N PRO A 229 -3.96 2.53 -10.26
CA PRO A 229 -5.09 3.07 -9.49
C PRO A 229 -4.63 3.64 -8.19
N ALA A 230 -5.13 4.84 -7.87
CA ALA A 230 -4.64 5.55 -6.69
C ALA A 230 -4.71 4.68 -5.46
N SER A 231 -5.74 3.83 -5.37
CA SER A 231 -6.07 3.11 -4.15
C SER A 231 -5.26 1.83 -3.99
N TRP A 232 -4.42 1.51 -4.96
CA TRP A 232 -3.61 0.30 -4.90
C TRP A 232 -2.43 0.57 -3.99
N VAL A 233 -1.93 -0.51 -3.37
CA VAL A 233 -0.93 -0.43 -2.31
C VAL A 233 0.41 -0.95 -2.82
N VAL A 234 1.45 -0.16 -2.64
CA VAL A 234 2.70 -0.37 -3.34
C VAL A 234 3.88 -0.50 -2.37
N GLY A 235 4.64 -1.55 -2.55
CA GLY A 235 5.97 -1.55 -1.99
C GLY A 235 7.00 -1.69 -3.08
N ASP A 236 7.84 -0.66 -3.23
CA ASP A 236 8.76 -0.61 -4.35
C ASP A 236 10.09 0.02 -3.96
N LYS A 237 11.05 -0.12 -4.88
CA LYS A 237 12.36 0.50 -4.79
C LYS A 237 12.74 1.01 -6.17
N THR A 238 12.77 2.34 -6.33
CA THR A 238 13.30 3.05 -7.49
C THR A 238 14.82 2.92 -7.59
N GLY A 239 15.34 3.41 -8.70
CA GLY A 239 16.76 3.36 -9.00
C GLY A 239 17.11 4.33 -10.11
N SER A 240 18.15 5.15 -9.88
CA SER A 240 18.50 6.21 -10.79
C SER A 240 19.98 6.09 -11.11
N GLY A 241 20.40 6.66 -12.23
CA GLY A 241 21.77 6.41 -12.66
C GLY A 241 22.14 7.14 -13.94
N GLY A 242 23.34 6.86 -14.41
CA GLY A 242 23.82 7.54 -15.59
C GLY A 242 22.99 7.19 -16.79
N TYR A 243 23.01 8.04 -17.81
CA TYR A 243 22.31 7.71 -19.04
C TYR A 243 20.81 7.68 -18.80
N GLY A 244 20.31 8.65 -18.02
CA GLY A 244 18.89 8.76 -17.72
C GLY A 244 18.25 7.50 -17.18
N THR A 245 19.05 6.60 -16.62
CA THR A 245 18.55 5.34 -16.15
C THR A 245 17.59 5.56 -15.00
N THR A 246 16.35 5.16 -15.23
CA THR A 246 15.23 5.33 -14.33
C THR A 246 14.61 3.95 -14.20
N ASN A 247 14.53 3.45 -12.98
CA ASN A 247 14.15 2.06 -12.72
C ASN A 247 13.23 2.05 -11.51
N ASP A 248 12.46 0.96 -11.39
CA ASP A 248 11.58 0.75 -10.25
C ASP A 248 11.13 -0.70 -10.24
N ILE A 249 11.16 -1.30 -9.07
CA ILE A 249 10.76 -2.69 -8.93
C ILE A 249 9.79 -2.75 -7.78
N ALA A 250 8.68 -3.47 -7.98
CA ALA A 250 7.53 -3.27 -7.11
C ALA A 250 6.70 -4.52 -6.94
N VAL A 251 6.18 -4.65 -5.71
CA VAL A 251 5.14 -5.61 -5.35
C VAL A 251 3.88 -4.80 -5.06
N ILE A 252 2.74 -5.26 -5.61
CA ILE A 252 1.51 -4.47 -5.59
C ILE A 252 0.33 -5.29 -5.09
N TRP A 253 -0.41 -4.73 -4.13
CA TRP A 253 -1.57 -5.39 -3.50
C TRP A 253 -2.78 -4.53 -3.83
N PRO A 254 -3.48 -4.82 -4.92
CA PRO A 254 -4.77 -4.17 -5.13
C PRO A 254 -5.79 -4.71 -4.13
N LYS A 255 -6.65 -3.80 -3.69
CA LYS A 255 -7.79 -4.23 -2.90
C LYS A 255 -8.60 -5.22 -3.73
N ASP A 256 -8.88 -6.39 -3.15
CA ASP A 256 -9.79 -7.38 -3.74
C ASP A 256 -9.21 -8.06 -4.97
N ARG A 257 -7.89 -8.12 -5.06
CA ARG A 257 -7.19 -8.85 -6.12
CA ARG A 257 -7.19 -8.84 -6.12
C ARG A 257 -6.05 -9.64 -5.50
N ALA A 258 -5.43 -10.48 -6.31
CA ALA A 258 -4.16 -11.07 -5.92
C ALA A 258 -3.04 -10.14 -6.33
N PRO A 259 -1.88 -10.24 -5.71
CA PRO A 259 -0.84 -9.23 -5.90
C PRO A 259 -0.12 -9.38 -7.24
N LEU A 260 0.61 -8.33 -7.58
CA LEU A 260 1.38 -8.24 -8.81
C LEU A 260 2.82 -7.97 -8.46
N ILE A 261 3.70 -8.51 -9.29
CA ILE A 261 5.09 -8.10 -9.36
C ILE A 261 5.30 -7.32 -10.64
N LEU A 262 5.81 -6.10 -10.53
CA LEU A 262 6.07 -5.27 -11.69
C LEU A 262 7.48 -4.69 -11.66
N VAL A 263 8.23 -4.91 -12.73
CA VAL A 263 9.63 -4.49 -12.82
C VAL A 263 9.79 -3.59 -14.03
N THR A 264 10.16 -2.33 -13.82
CA THR A 264 10.30 -1.41 -14.96
C THR A 264 11.67 -0.75 -15.02
N TYR A 265 12.44 -1.13 -16.04
CA TYR A 265 13.73 -0.53 -16.30
C TYR A 265 13.74 0.31 -17.57
N PHE A 266 14.38 1.46 -17.49
CA PHE A 266 14.43 2.43 -18.58
C PHE A 266 15.73 3.21 -18.51
N THR A 267 16.37 3.37 -19.68
CA THR A 267 17.66 4.02 -19.81
C THR A 267 17.74 4.69 -21.17
N GLN A 268 18.68 5.59 -21.30
CA GLN A 268 18.71 6.51 -22.41
C GLN A 268 20.10 6.54 -23.01
N PRO A 269 20.31 7.34 -24.10
CA PRO A 269 21.62 7.37 -24.79
C PRO A 269 22.54 8.51 -24.38
N GLN A 270 21.97 9.63 -23.99
CA GLN A 270 22.78 10.77 -23.59
C GLN A 270 23.40 10.44 -22.23
N PRO A 271 24.71 10.53 -22.09
CA PRO A 271 25.31 10.34 -20.76
C PRO A 271 24.68 11.18 -19.67
N LYS A 272 24.13 12.37 -19.97
CA LYS A 272 23.67 13.22 -18.88
C LYS A 272 22.18 13.46 -18.94
N ALA A 273 21.43 12.56 -19.59
CA ALA A 273 19.98 12.67 -19.70
C ALA A 273 19.34 12.81 -18.31
N GLU A 274 18.20 13.49 -18.25
CA GLU A 274 17.48 13.61 -16.99
C GLU A 274 16.61 12.37 -16.77
N SER A 275 16.37 12.04 -15.51
CA SER A 275 15.52 10.90 -15.20
C SER A 275 14.14 11.03 -15.86
N ARG A 276 13.49 9.89 -16.03
CA ARG A 276 12.15 9.83 -16.63
C ARG A 276 11.28 8.88 -15.76
N ARG A 277 10.94 9.36 -14.56
CA ARG A 277 10.13 8.52 -13.69
C ARG A 277 8.77 8.22 -14.30
N ASP A 278 8.20 9.16 -15.05
CA ASP A 278 6.88 8.98 -15.64
C ASP A 278 6.85 7.90 -16.72
N VAL A 279 7.96 7.69 -17.44
CA VAL A 279 7.99 6.59 -18.41
C VAL A 279 7.66 5.29 -17.71
N LEU A 280 8.12 5.14 -16.48
CA LEU A 280 7.83 3.93 -15.70
C LEU A 280 6.36 3.90 -15.31
N ALA A 281 5.82 5.02 -14.82
CA ALA A 281 4.39 5.09 -14.54
C ALA A 281 3.58 4.74 -15.77
N SER A 282 3.90 5.37 -16.91
CA SER A 282 3.23 5.05 -18.18
C SER A 282 3.38 3.58 -18.51
N ALA A 283 4.56 3.02 -18.30
CA ALA A 283 4.67 1.59 -18.49
C ALA A 283 3.65 0.87 -17.63
N ALA A 284 3.59 1.23 -16.33
CA ALA A 284 2.71 0.50 -15.43
C ALA A 284 1.24 0.62 -15.82
N LYS A 285 0.77 1.83 -16.17
CA LYS A 285 -0.60 2.00 -16.64
C LYS A 285 -0.86 1.08 -17.83
N ILE A 286 0.10 0.97 -18.76
CA ILE A 286 -0.14 0.10 -19.91
C ILE A 286 -0.37 -1.36 -19.49
N VAL A 287 0.48 -1.90 -18.62
CA VAL A 287 0.46 -3.35 -18.42
C VAL A 287 -0.49 -3.79 -17.33
N THR A 288 -1.11 -2.83 -16.62
CA THR A 288 -2.19 -3.13 -15.71
C THR A 288 -3.55 -2.72 -16.26
N ASP A 289 -3.64 -2.21 -17.49
CA ASP A 289 -4.95 -1.88 -18.04
C ASP A 289 -5.73 -3.17 -18.26
N GLY A 290 -6.98 -3.16 -17.78
CA GLY A 290 -7.77 -4.38 -17.68
C GLY A 290 -7.57 -5.17 -16.40
N LEU A 291 -7.27 -4.50 -15.27
CA LEU A 291 -7.01 -5.17 -13.99
C LEU A 291 -7.30 -4.20 -12.85
N PRO B 28 2.16 -26.99 -1.19
CA PRO B 28 1.86 -27.73 0.06
C PRO B 28 2.35 -27.05 1.38
N LEU B 29 1.88 -27.56 2.54
CA LEU B 29 2.17 -26.99 3.86
C LEU B 29 2.98 -27.93 4.74
N THR B 30 2.47 -29.13 5.04
CA THR B 30 3.25 -30.18 5.71
C THR B 30 2.67 -31.56 5.33
N ALA B 31 3.49 -32.61 5.50
CA ALA B 31 2.95 -33.97 5.52
C ALA B 31 2.17 -34.22 6.80
N ASP B 32 2.13 -33.20 7.66
CA ASP B 32 1.32 -33.19 8.86
C ASP B 32 -0.07 -32.63 8.59
N VAL B 33 -0.20 -31.70 7.64
CA VAL B 33 -1.54 -31.25 7.27
C VAL B 33 -2.34 -32.42 6.67
N GLN B 34 -1.74 -33.13 5.70
CA GLN B 34 -2.36 -34.36 5.22
C GLN B 34 -2.80 -35.26 6.37
N GLN B 35 -2.00 -35.32 7.43
CA GLN B 35 -2.38 -36.19 8.53
C GLN B 35 -3.57 -35.62 9.29
N LYS B 36 -3.62 -34.31 9.47
CA LYS B 36 -4.65 -33.77 10.34
C LYS B 36 -6.01 -33.83 9.67
N LEU B 37 -6.03 -33.61 8.34
CA LEU B 37 -7.25 -33.79 7.55
C LEU B 37 -7.79 -35.21 7.67
N ALA B 38 -6.92 -36.19 7.50
CA ALA B 38 -7.34 -37.58 7.57
C ALA B 38 -7.85 -37.92 8.95
N GLU B 39 -7.38 -37.21 9.97
CA GLU B 39 -7.86 -37.41 11.32
C GLU B 39 -9.09 -36.56 11.63
N LEU B 40 -9.12 -35.33 11.16
CA LEU B 40 -10.38 -34.61 11.06
C LEU B 40 -11.42 -35.53 10.45
N GLU B 41 -11.12 -36.09 9.28
CA GLU B 41 -12.12 -36.88 8.55
C GLU B 41 -12.63 -38.04 9.39
N ARG B 42 -11.74 -38.94 9.83
CA ARG B 42 -12.24 -40.14 10.48
C ARG B 42 -12.87 -39.81 11.83
N GLN B 43 -12.45 -38.78 12.47
CA GLN B 43 -13.21 -38.39 13.67
C GLN B 43 -14.57 -37.75 13.31
N SER B 44 -14.99 -37.90 12.05
CA SER B 44 -16.20 -37.28 11.52
C SER B 44 -17.14 -38.26 10.81
N GLY B 45 -16.76 -39.53 10.69
CA GLY B 45 -17.55 -40.52 10.00
C GLY B 45 -18.10 -39.90 8.74
N GLY B 46 -17.22 -39.26 7.99
CA GLY B 46 -17.66 -38.58 6.79
C GLY B 46 -16.56 -38.64 5.76
N ARG B 47 -16.90 -38.18 4.56
CA ARG B 47 -15.97 -37.99 3.46
C ARG B 47 -15.66 -36.51 3.34
N LEU B 48 -14.38 -36.19 3.07
CA LEU B 48 -13.92 -34.80 3.08
C LEU B 48 -13.18 -34.47 1.81
N GLY B 49 -13.49 -33.30 1.24
CA GLY B 49 -12.78 -32.80 0.08
C GLY B 49 -12.25 -31.40 0.29
N VAL B 50 -10.93 -31.24 0.19
CA VAL B 50 -10.31 -29.94 0.37
C VAL B 50 -9.42 -29.68 -0.82
N ALA B 51 -9.37 -28.43 -1.25
CA ALA B 51 -8.38 -27.95 -2.20
C ALA B 51 -8.06 -26.51 -1.81
N LEU B 52 -6.78 -26.23 -1.60
CA LEU B 52 -6.31 -24.90 -1.19
C LEU B 52 -5.31 -24.35 -2.18
N ILE B 53 -5.57 -23.15 -2.68
CA ILE B 53 -4.64 -22.50 -3.56
C ILE B 53 -4.16 -21.25 -2.83
N ASN B 54 -2.84 -21.14 -2.65
CA ASN B 54 -2.17 -19.96 -2.12
C ASN B 54 -1.62 -19.21 -3.32
N THR B 55 -2.11 -18.00 -3.56
CA THR B 55 -1.52 -17.23 -4.65
C THR B 55 -0.10 -16.72 -4.32
N ALA B 56 0.26 -16.58 -3.05
CA ALA B 56 1.62 -16.18 -2.69
C ALA B 56 2.66 -16.86 -3.56
N ASP B 57 2.75 -18.19 -3.49
CA ASP B 57 3.77 -18.96 -4.20
C ASP B 57 3.17 -20.02 -5.09
N ASN B 58 1.96 -19.78 -5.57
CA ASN B 58 1.23 -20.72 -6.39
C ASN B 58 1.19 -22.18 -5.84
N SER B 59 1.32 -22.39 -4.54
CA SER B 59 1.27 -23.76 -4.02
C SER B 59 -0.18 -24.25 -3.91
N GLN B 60 -0.35 -25.55 -3.68
CA GLN B 60 -1.68 -26.12 -3.42
C GLN B 60 -1.61 -27.15 -2.30
N ILE B 61 -2.62 -27.16 -1.44
CA ILE B 61 -2.90 -28.30 -0.55
C ILE B 61 -4.13 -29.02 -1.08
N LEU B 62 -4.03 -30.34 -1.25
CA LEU B 62 -5.12 -31.15 -1.78
C LEU B 62 -5.44 -32.36 -0.90
N TYR B 63 -6.73 -32.65 -0.75
CA TYR B 63 -7.18 -33.85 -0.04
C TYR B 63 -8.42 -34.39 -0.74
N ARG B 64 -8.32 -35.61 -1.27
CA ARG B 64 -9.41 -36.15 -2.08
C ARG B 64 -9.92 -35.11 -3.06
N ALA B 65 -9.01 -34.38 -3.69
CA ALA B 65 -9.35 -33.22 -4.49
C ALA B 65 -9.69 -33.58 -5.91
N ASP B 66 -9.79 -34.85 -6.22
CA ASP B 66 -10.38 -35.22 -7.50
C ASP B 66 -11.60 -36.13 -7.35
N GLU B 67 -12.06 -36.38 -6.13
CA GLU B 67 -13.31 -37.09 -5.89
C GLU B 67 -14.46 -36.13 -6.05
N ARG B 68 -15.61 -36.66 -6.49
CA ARG B 68 -16.75 -35.80 -6.74
C ARG B 68 -17.53 -35.58 -5.44
N PHE B 69 -18.25 -34.47 -5.42
CA PHE B 69 -19.05 -34.08 -4.29
C PHE B 69 -20.26 -33.34 -4.86
N ALA B 70 -21.30 -33.30 -4.07
CA ALA B 70 -22.49 -32.56 -4.44
C ALA B 70 -22.22 -31.10 -4.23
N MET B 71 -22.41 -30.28 -5.25
CA MET B 71 -22.18 -28.85 -5.09
C MET B 71 -23.20 -28.18 -4.20
N CYS B 72 -24.45 -28.64 -4.23
CA CYS B 72 -25.51 -27.97 -3.48
C CYS B 72 -25.43 -26.48 -3.75
N SER B 73 -25.62 -25.63 -2.76
CA SER B 73 -25.74 -24.22 -3.09
C SER B 73 -24.44 -23.57 -3.58
N THR B 74 -23.28 -24.25 -3.47
CA THR B 74 -22.06 -23.59 -3.95
C THR B 74 -22.12 -23.40 -5.45
N SER B 75 -23.00 -24.11 -6.14
CA SER B 75 -23.11 -23.95 -7.58
C SER B 75 -23.72 -22.60 -7.97
N LYS B 76 -24.45 -21.94 -7.07
CA LYS B 76 -24.99 -20.61 -7.38
C LYS B 76 -23.87 -19.64 -7.77
N VAL B 77 -22.63 -19.90 -7.34
CA VAL B 77 -21.52 -19.07 -7.79
C VAL B 77 -21.41 -19.17 -9.30
N MET B 78 -21.38 -20.40 -9.81
CA MET B 78 -21.26 -20.59 -11.25
C MET B 78 -22.42 -19.94 -12.02
N ALA B 79 -23.65 -20.05 -11.49
CA ALA B 79 -24.80 -19.45 -12.17
C ALA B 79 -24.73 -17.91 -12.16
N ALA B 80 -24.40 -17.34 -11.00
CA ALA B 80 -24.16 -15.91 -10.95
C ALA B 80 -23.08 -15.53 -11.95
N ALA B 81 -22.00 -16.31 -12.01
CA ALA B 81 -20.91 -15.98 -12.93
C ALA B 81 -21.38 -16.02 -14.39
N ALA B 82 -22.23 -16.98 -14.73
CA ALA B 82 -22.63 -17.13 -16.13
C ALA B 82 -23.41 -15.93 -16.64
N VAL B 83 -24.28 -15.34 -15.79
CA VAL B 83 -24.93 -14.07 -16.16
C VAL B 83 -23.88 -12.92 -16.17
N LEU B 84 -22.93 -12.89 -15.24
CA LEU B 84 -21.90 -11.83 -15.30
C LEU B 84 -21.15 -11.86 -16.64
N LYS B 85 -20.67 -13.04 -17.05
CA LYS B 85 -20.02 -13.18 -18.36
C LYS B 85 -20.88 -12.62 -19.49
N LYS B 86 -22.15 -13.02 -19.54
CA LYS B 86 -23.03 -12.50 -20.56
C LYS B 86 -23.15 -10.98 -20.49
N SER B 87 -23.08 -10.39 -19.29
CA SER B 87 -23.18 -8.93 -19.18
C SER B 87 -22.06 -8.21 -19.90
N GLU B 88 -21.08 -8.94 -20.38
CA GLU B 88 -19.90 -8.36 -20.99
C GLU B 88 -20.10 -8.07 -22.45
N SER B 89 -21.01 -8.80 -23.09
CA SER B 89 -21.41 -8.43 -24.44
C SER B 89 -22.80 -7.80 -24.48
N GLU B 90 -23.25 -7.24 -23.36
CA GLU B 90 -24.64 -6.81 -23.19
C GLU B 90 -24.74 -5.65 -22.23
N PRO B 91 -24.52 -4.43 -22.73
CA PRO B 91 -24.12 -3.32 -21.86
C PRO B 91 -24.90 -3.10 -20.60
N ASN B 92 -26.00 -3.81 -20.40
CA ASN B 92 -26.60 -3.66 -19.09
C ASN B 92 -26.77 -5.03 -18.46
N LEU B 93 -27.93 -5.63 -18.70
CA LEU B 93 -28.30 -7.02 -18.46
C LEU B 93 -28.68 -7.21 -17.00
N LEU B 94 -28.02 -6.51 -16.10
CA LEU B 94 -28.27 -6.76 -14.70
C LEU B 94 -29.48 -5.98 -14.22
N ASN B 95 -29.77 -4.83 -14.84
CA ASN B 95 -31.04 -4.23 -14.48
C ASN B 95 -32.22 -5.01 -15.06
N GLN B 96 -31.96 -6.04 -15.88
CA GLN B 96 -33.05 -6.76 -16.54
C GLN B 96 -33.89 -7.45 -15.48
N ARG B 97 -35.19 -7.39 -15.65
CA ARG B 97 -36.12 -7.88 -14.65
C ARG B 97 -36.52 -9.29 -15.04
N VAL B 98 -36.77 -10.11 -14.02
CA VAL B 98 -37.33 -11.45 -14.14
C VAL B 98 -38.60 -11.47 -13.30
N GLU B 99 -39.67 -12.06 -13.85
CA GLU B 99 -40.95 -12.10 -13.16
C GLU B 99 -40.89 -13.11 -12.01
N ILE B 100 -41.32 -12.70 -10.83
CA ILE B 100 -41.48 -13.65 -9.73
C ILE B 100 -42.97 -13.94 -9.59
N LYS B 101 -43.33 -15.21 -9.61
CA LYS B 101 -44.73 -15.59 -9.48
C LYS B 101 -44.89 -16.50 -8.27
N LYS B 102 -46.15 -16.60 -7.83
CA LYS B 102 -46.48 -17.39 -6.66
C LYS B 102 -46.12 -18.86 -6.84
N SER B 103 -46.26 -19.37 -8.06
CA SER B 103 -45.91 -20.78 -8.28
C SER B 103 -44.42 -21.04 -8.04
N ASP B 104 -43.58 -19.99 -7.98
CA ASP B 104 -42.14 -20.21 -8.02
C ASP B 104 -41.58 -20.64 -6.69
N LEU B 105 -42.25 -20.25 -5.60
CA LEU B 105 -41.70 -20.43 -4.27
C LEU B 105 -41.46 -21.92 -4.02
N VAL B 106 -40.20 -22.31 -4.11
CA VAL B 106 -39.73 -23.61 -3.66
C VAL B 106 -39.62 -23.51 -2.14
N ASN B 107 -38.82 -24.37 -1.53
CA ASN B 107 -38.77 -24.48 -0.07
C ASN B 107 -38.25 -23.20 0.59
N TYR B 108 -37.14 -22.63 0.06
CA TYR B 108 -36.40 -21.55 0.72
C TYR B 108 -36.13 -20.42 -0.26
N ASN B 109 -36.41 -19.16 0.16
CA ASN B 109 -36.37 -18.02 -0.75
C ASN B 109 -36.67 -16.74 0.00
N PRO B 110 -35.81 -16.38 0.94
CA PRO B 110 -36.10 -15.22 1.81
C PRO B 110 -36.25 -13.91 1.08
N ILE B 111 -35.74 -13.82 -0.13
CA ILE B 111 -35.69 -12.55 -0.86
C ILE B 111 -36.75 -12.51 -1.95
N ALA B 112 -36.88 -13.61 -2.70
CA ALA B 112 -37.92 -13.72 -3.70
C ALA B 112 -39.31 -13.44 -3.13
N GLU B 113 -39.66 -14.08 -2.01
CA GLU B 113 -41.00 -13.95 -1.47
C GLU B 113 -41.42 -12.49 -1.37
N LYS B 114 -40.47 -11.55 -1.28
CA LYS B 114 -40.82 -10.13 -1.20
C LYS B 114 -41.28 -9.54 -2.53
N HIS B 115 -41.11 -10.22 -3.63
CA HIS B 115 -41.30 -9.53 -4.90
C HIS B 115 -42.26 -10.31 -5.78
N VAL B 116 -43.12 -11.12 -5.14
CA VAL B 116 -44.07 -11.98 -5.82
C VAL B 116 -45.10 -11.16 -6.57
N ASN B 117 -45.36 -11.59 -7.82
CA ASN B 117 -46.15 -10.86 -8.82
C ASN B 117 -45.54 -9.49 -9.15
N GLY B 118 -44.28 -9.34 -8.81
CA GLY B 118 -43.44 -8.29 -9.35
C GLY B 118 -42.23 -8.92 -10.01
N THR B 119 -41.11 -8.20 -9.99
CA THR B 119 -39.91 -8.72 -10.60
C THR B 119 -38.67 -8.43 -9.76
N MET B 120 -37.63 -9.14 -10.10
CA MET B 120 -36.33 -8.88 -9.54
C MET B 120 -35.34 -8.71 -10.67
N SER B 121 -34.54 -7.66 -10.57
CA SER B 121 -33.37 -7.48 -11.40
C SER B 121 -32.40 -8.64 -11.25
N LEU B 122 -31.65 -8.90 -12.32
CA LEU B 122 -30.68 -9.98 -12.26
C LEU B 122 -29.59 -9.69 -11.24
N ALA B 123 -29.27 -8.41 -11.02
CA ALA B 123 -28.43 -8.01 -9.90
C ALA B 123 -29.00 -8.51 -8.59
N GLU B 124 -30.20 -8.03 -8.26
CA GLU B 124 -30.91 -8.47 -7.07
C GLU B 124 -30.91 -9.98 -6.97
N LEU B 125 -31.20 -10.66 -8.07
CA LEU B 125 -31.33 -12.12 -8.00
C LEU B 125 -29.99 -12.77 -7.73
N SER B 126 -28.94 -12.35 -8.43
CA SER B 126 -27.58 -12.80 -8.11
C SER B 126 -27.24 -12.52 -6.66
N ALA B 127 -27.44 -11.29 -6.20
CA ALA B 127 -27.23 -10.97 -4.79
C ALA B 127 -28.00 -11.93 -3.90
N ALA B 128 -29.29 -12.16 -4.17
CA ALA B 128 -30.09 -12.97 -3.25
C ALA B 128 -29.63 -14.42 -3.20
N ALA B 129 -29.19 -14.96 -4.33
CA ALA B 129 -28.76 -16.34 -4.30
C ALA B 129 -27.41 -16.46 -3.62
N LEU B 130 -26.58 -15.43 -3.74
CA LEU B 130 -25.21 -15.54 -3.28
C LEU B 130 -25.10 -15.13 -1.83
N GLN B 131 -25.93 -14.21 -1.39
CA GLN B 131 -25.86 -13.75 -0.03
C GLN B 131 -26.90 -14.37 0.88
N TYR B 132 -28.05 -14.83 0.37
CA TYR B 132 -29.06 -15.45 1.24
C TYR B 132 -29.39 -16.87 0.83
N SER B 133 -28.64 -17.42 -0.10
CA SER B 133 -28.87 -18.76 -0.62
C SER B 133 -30.31 -18.92 -1.10
N ASP B 134 -30.85 -17.84 -1.67
CA ASP B 134 -32.23 -17.86 -2.14
C ASP B 134 -32.34 -18.80 -3.32
N ASN B 135 -33.20 -19.81 -3.19
CA ASN B 135 -33.38 -20.83 -4.20
C ASN B 135 -34.20 -20.36 -5.38
N VAL B 136 -35.10 -19.39 -5.20
CA VAL B 136 -35.81 -18.90 -6.39
C VAL B 136 -34.86 -18.09 -7.26
N ALA B 137 -34.06 -17.20 -6.64
CA ALA B 137 -33.04 -16.45 -7.36
C ALA B 137 -32.21 -17.38 -8.23
N MET B 138 -31.71 -18.45 -7.62
CA MET B 138 -30.93 -19.44 -8.38
C MET B 138 -31.73 -19.97 -9.57
N ASN B 139 -32.99 -20.36 -9.36
CA ASN B 139 -33.72 -20.88 -10.51
C ASN B 139 -33.84 -19.80 -11.59
N LYS B 140 -34.15 -18.58 -11.19
CA LYS B 140 -34.27 -17.56 -12.21
C LYS B 140 -32.95 -17.38 -12.97
N LEU B 141 -31.80 -17.45 -12.27
CA LEU B 141 -30.52 -17.27 -12.97
C LEU B 141 -30.29 -18.41 -13.99
N ILE B 142 -30.52 -19.65 -13.56
CA ILE B 142 -30.36 -20.79 -14.46
C ILE B 142 -31.27 -20.65 -15.66
N ALA B 143 -32.56 -20.34 -15.41
CA ALA B 143 -33.48 -20.23 -16.55
C ALA B 143 -32.99 -19.19 -17.55
N HIS B 144 -32.36 -18.12 -17.05
CA HIS B 144 -32.01 -16.99 -17.91
C HIS B 144 -30.89 -17.29 -18.86
N VAL B 145 -29.92 -18.13 -18.48
CA VAL B 145 -28.89 -18.46 -19.44
C VAL B 145 -29.32 -19.63 -20.33
N GLY B 146 -30.33 -20.39 -19.92
CA GLY B 146 -30.91 -21.39 -20.81
C GLY B 146 -31.01 -22.79 -20.25
N GLY B 147 -30.87 -22.89 -18.92
CA GLY B 147 -31.10 -24.14 -18.23
C GLY B 147 -29.82 -24.66 -17.60
N PRO B 148 -29.92 -25.78 -16.90
CA PRO B 148 -28.72 -26.28 -16.21
C PRO B 148 -27.64 -26.64 -17.18
N ALA B 149 -28.00 -27.02 -18.40
CA ALA B 149 -26.97 -27.46 -19.34
C ALA B 149 -26.09 -26.31 -19.74
N SER B 150 -26.72 -25.14 -19.89
CA SER B 150 -25.99 -23.96 -20.34
CA SER B 150 -25.98 -23.98 -20.35
C SER B 150 -25.03 -23.47 -19.26
N VAL B 151 -25.37 -23.68 -17.99
CA VAL B 151 -24.39 -23.37 -16.95
C VAL B 151 -23.21 -24.30 -17.08
N THR B 152 -23.44 -25.57 -17.41
CA THR B 152 -22.34 -26.50 -17.62
C THR B 152 -21.48 -26.07 -18.79
N ALA B 153 -22.06 -25.35 -19.76
CA ALA B 153 -21.26 -24.91 -20.90
C ALA B 153 -20.31 -23.77 -20.50
N PHE B 154 -20.83 -22.76 -19.83
CA PHE B 154 -19.98 -21.71 -19.28
C PHE B 154 -18.78 -22.25 -18.48
N ALA B 155 -18.97 -23.29 -17.69
CA ALA B 155 -17.81 -23.92 -17.06
C ALA B 155 -16.88 -24.41 -18.14
N ARG B 156 -17.42 -25.09 -19.16
CA ARG B 156 -16.54 -25.69 -20.17
C ARG B 156 -15.69 -24.63 -20.84
N GLN B 157 -16.25 -23.45 -21.12
CA GLN B 157 -15.50 -22.42 -21.80
C GLN B 157 -14.49 -21.72 -20.88
N LEU B 158 -14.55 -22.01 -19.59
CA LEU B 158 -13.54 -21.58 -18.64
C LEU B 158 -12.45 -22.62 -18.43
N GLY B 159 -12.58 -23.80 -19.04
CA GLY B 159 -11.66 -24.90 -18.83
C GLY B 159 -12.05 -25.86 -17.74
N ASP B 160 -13.12 -25.58 -17.01
CA ASP B 160 -13.62 -26.58 -16.08
C ASP B 160 -14.29 -27.69 -16.87
N GLU B 161 -13.73 -28.90 -16.80
CA GLU B 161 -14.24 -30.05 -17.50
C GLU B 161 -14.93 -31.01 -16.53
N THR B 162 -14.95 -30.67 -15.24
CA THR B 162 -15.49 -31.53 -14.20
C THR B 162 -16.83 -31.06 -13.66
N PHE B 163 -17.04 -29.75 -13.62
CA PHE B 163 -18.30 -29.21 -13.17
C PHE B 163 -19.44 -29.74 -14.00
N ARG B 164 -20.59 -29.96 -13.34
CA ARG B 164 -21.76 -30.42 -14.08
C ARG B 164 -23.03 -30.15 -13.31
N LEU B 165 -23.83 -29.23 -13.84
CA LEU B 165 -25.15 -28.88 -13.33
C LEU B 165 -26.22 -29.62 -14.13
N ASP B 166 -27.09 -30.31 -13.42
CA ASP B 166 -28.02 -31.23 -14.05
C ASP B 166 -29.46 -30.89 -13.75
N ARG B 167 -29.74 -30.22 -12.63
CA ARG B 167 -31.09 -29.98 -12.15
C ARG B 167 -31.24 -28.55 -11.67
N THR B 168 -32.46 -28.18 -11.41
CA THR B 168 -32.80 -26.89 -10.85
C THR B 168 -32.95 -26.99 -9.33
N GLU B 169 -33.29 -25.87 -8.69
CA GLU B 169 -33.60 -25.99 -7.26
C GLU B 169 -35.03 -26.48 -7.08
N PRO B 170 -35.28 -27.37 -6.10
CA PRO B 170 -34.38 -27.83 -5.03
C PRO B 170 -33.93 -29.25 -5.22
N THR B 171 -34.10 -29.83 -6.41
CA THR B 171 -33.63 -31.20 -6.57
C THR B 171 -32.10 -31.27 -6.57
N LEU B 172 -31.40 -30.22 -7.02
CA LEU B 172 -29.96 -30.38 -7.17
C LEU B 172 -29.29 -30.75 -5.84
N ASN B 173 -29.97 -30.52 -4.73
CA ASN B 173 -29.35 -30.74 -3.46
C ASN B 173 -29.43 -32.19 -2.99
N THR B 174 -29.75 -33.17 -3.83
CA THR B 174 -29.88 -34.54 -3.32
C THR B 174 -28.58 -35.02 -2.71
N ALA B 175 -27.52 -35.11 -3.51
CA ALA B 175 -26.25 -35.63 -3.02
C ALA B 175 -26.42 -37.07 -2.55
N ILE B 176 -26.75 -37.93 -3.50
CA ILE B 176 -26.84 -39.34 -3.22
C ILE B 176 -25.50 -39.93 -3.59
N PRO B 177 -24.88 -40.70 -2.69
CA PRO B 177 -23.64 -41.42 -3.06
C PRO B 177 -23.63 -41.98 -4.48
N GLY B 178 -22.49 -41.80 -5.15
CA GLY B 178 -22.29 -42.26 -6.50
C GLY B 178 -22.90 -41.34 -7.52
N ASP B 179 -23.92 -40.59 -7.12
CA ASP B 179 -24.61 -39.71 -8.05
C ASP B 179 -23.67 -38.62 -8.55
N PRO B 180 -23.26 -38.67 -9.81
CA PRO B 180 -22.50 -37.55 -10.40
C PRO B 180 -23.32 -36.31 -10.69
N ARG B 181 -24.64 -36.39 -10.64
CA ARG B 181 -25.48 -35.25 -10.95
C ARG B 181 -25.18 -34.08 -10.02
N ASP B 182 -24.93 -32.92 -10.62
CA ASP B 182 -24.75 -31.71 -9.83
C ASP B 182 -23.47 -31.75 -8.98
N THR B 183 -22.36 -32.18 -9.58
CA THR B 183 -21.14 -32.38 -8.80
C THR B 183 -19.94 -31.73 -9.47
N THR B 184 -18.84 -31.76 -8.73
CA THR B 184 -17.54 -31.30 -9.23
C THR B 184 -16.46 -31.78 -8.26
N SER B 185 -15.22 -31.50 -8.59
CA SER B 185 -14.06 -31.82 -7.76
C SER B 185 -13.63 -30.60 -6.97
N PRO B 186 -12.84 -30.76 -5.94
CA PRO B 186 -12.34 -29.57 -5.22
C PRO B 186 -11.18 -28.91 -5.98
N ARG B 187 -10.33 -29.74 -6.57
CA ARG B 187 -9.40 -29.23 -7.56
C ARG B 187 -10.15 -28.33 -8.51
N ALA B 188 -11.15 -28.87 -9.20
CA ALA B 188 -11.78 -28.16 -10.31
C ALA B 188 -12.53 -26.94 -9.83
N MET B 189 -13.22 -27.04 -8.70
CA MET B 189 -13.91 -25.87 -8.18
C MET B 189 -12.95 -24.79 -7.69
N ALA B 190 -11.74 -25.17 -7.27
CA ALA B 190 -10.76 -24.18 -6.82
C ALA B 190 -10.12 -23.48 -8.00
N GLN B 191 -9.62 -24.26 -8.97
CA GLN B 191 -9.08 -23.66 -10.21
C GLN B 191 -10.13 -22.77 -10.87
N THR B 192 -11.40 -23.19 -10.88
CA THR B 192 -12.41 -22.30 -11.46
C THR B 192 -12.62 -21.07 -10.58
N LEU B 193 -12.83 -21.25 -9.28
CA LEU B 193 -13.11 -20.07 -8.47
C LEU B 193 -11.91 -19.11 -8.42
N ARG B 194 -10.68 -19.62 -8.46
CA ARG B 194 -9.55 -18.72 -8.65
C ARG B 194 -9.79 -17.80 -9.84
N ASN B 195 -10.07 -18.38 -11.02
CA ASN B 195 -10.15 -17.64 -12.28
C ASN B 195 -11.29 -16.65 -12.32
N LEU B 196 -12.28 -16.85 -11.49
CA LEU B 196 -13.43 -15.96 -11.53
C LEU B 196 -13.24 -14.81 -10.57
N THR B 197 -12.76 -15.08 -9.35
CA THR B 197 -12.60 -14.01 -8.36
C THR B 197 -11.27 -13.27 -8.44
N LEU B 198 -10.27 -13.85 -9.10
CA LEU B 198 -8.91 -13.30 -9.10
C LEU B 198 -8.34 -13.10 -10.48
N GLY B 199 -8.49 -14.12 -11.29
CA GLY B 199 -7.97 -14.16 -12.64
C GLY B 199 -8.93 -13.48 -13.58
N LYS B 200 -8.95 -14.00 -14.81
CA LYS B 200 -9.50 -13.21 -15.92
C LYS B 200 -10.58 -13.97 -16.69
N ALA B 201 -11.23 -14.94 -16.05
CA ALA B 201 -12.40 -15.52 -16.67
C ALA B 201 -13.46 -14.46 -16.94
N LEU B 202 -13.48 -13.40 -16.11
CA LEU B 202 -14.47 -12.34 -16.20
C LEU B 202 -13.82 -10.99 -16.46
N GLY B 203 -14.55 -10.12 -17.14
CA GLY B 203 -14.16 -8.74 -17.22
C GLY B 203 -13.90 -8.19 -15.84
N ASP B 204 -13.28 -7.02 -15.76
CA ASP B 204 -12.80 -6.56 -14.47
C ASP B 204 -13.96 -6.13 -13.59
N SER B 205 -14.86 -5.32 -14.13
CA SER B 205 -16.05 -4.92 -13.40
C SER B 205 -16.82 -6.14 -12.92
N GLN B 206 -17.02 -7.12 -13.81
CA GLN B 206 -17.72 -8.33 -13.41
C GLN B 206 -16.97 -9.05 -12.31
N ARG B 207 -15.64 -9.07 -12.41
CA ARG B 207 -14.85 -9.75 -11.38
CA ARG B 207 -14.86 -9.77 -11.38
C ARG B 207 -15.06 -9.10 -10.02
N ALA B 208 -15.00 -7.77 -9.98
CA ALA B 208 -15.10 -7.07 -8.69
C ALA B 208 -16.50 -7.17 -8.12
N GLN B 209 -17.49 -7.42 -8.98
CA GLN B 209 -18.86 -7.51 -8.52
C GLN B 209 -19.13 -8.91 -7.98
N LEU B 210 -18.53 -9.93 -8.57
CA LEU B 210 -18.66 -11.27 -7.98
C LEU B 210 -18.08 -11.30 -6.57
N VAL B 211 -16.89 -10.70 -6.41
CA VAL B 211 -16.20 -10.67 -5.12
C VAL B 211 -17.02 -9.91 -4.10
N THR B 212 -17.43 -8.69 -4.44
CA THR B 212 -18.30 -7.97 -3.50
C THR B 212 -19.48 -8.85 -3.08
N TRP B 213 -20.19 -9.41 -4.06
CA TRP B 213 -21.36 -10.22 -3.70
C TRP B 213 -20.98 -11.31 -2.69
N MET B 214 -19.85 -11.98 -2.93
CA MET B 214 -19.46 -13.05 -2.02
C MET B 214 -19.08 -12.52 -0.66
N LYS B 215 -18.36 -11.38 -0.62
CA LYS B 215 -17.98 -10.80 0.66
C LYS B 215 -19.21 -10.43 1.48
N GLY B 216 -20.36 -10.30 0.84
CA GLY B 216 -21.61 -10.04 1.52
C GLY B 216 -22.41 -11.26 1.94
N ASN B 217 -21.87 -12.48 1.84
CA ASN B 217 -22.56 -13.65 2.38
C ASN B 217 -23.14 -13.34 3.74
N THR B 218 -24.38 -13.81 3.97
CA THR B 218 -24.95 -13.83 5.31
C THR B 218 -24.94 -15.21 5.95
N THR B 219 -24.53 -16.24 5.22
CA THR B 219 -24.89 -17.61 5.57
C THR B 219 -23.74 -18.43 6.10
N GLY B 220 -22.49 -17.97 5.92
CA GLY B 220 -21.36 -18.87 6.03
C GLY B 220 -20.44 -18.65 7.22
N ALA B 221 -20.96 -17.92 8.22
CA ALA B 221 -20.15 -17.58 9.38
C ALA B 221 -19.68 -18.84 10.09
N ALA B 222 -20.61 -19.74 10.36
CA ALA B 222 -20.24 -20.98 11.02
C ALA B 222 -19.31 -21.83 10.18
N SER B 223 -19.18 -21.55 8.89
CA SER B 223 -18.49 -22.48 7.98
C SER B 223 -17.00 -22.17 7.88
N ILE B 224 -16.45 -21.94 6.68
CA ILE B 224 -14.99 -21.78 6.58
C ILE B 224 -14.53 -20.66 7.48
N GLN B 225 -15.28 -19.56 7.48
CA GLN B 225 -14.90 -18.35 8.19
C GLN B 225 -14.52 -18.64 9.62
N ALA B 226 -15.33 -19.45 10.31
CA ALA B 226 -15.15 -19.73 11.73
C ALA B 226 -13.90 -20.56 12.05
N GLY B 227 -13.17 -21.04 11.04
CA GLY B 227 -11.87 -21.65 11.20
C GLY B 227 -10.73 -20.69 10.96
N LEU B 228 -11.01 -19.41 10.88
CA LEU B 228 -10.10 -18.42 10.39
C LEU B 228 -10.09 -17.20 11.29
N PRO B 229 -8.93 -16.57 11.43
CA PRO B 229 -8.84 -15.33 12.20
C PRO B 229 -9.85 -14.31 11.70
N ALA B 230 -10.60 -13.75 12.63
CA ALA B 230 -11.76 -12.92 12.32
C ALA B 230 -11.43 -11.66 11.54
N SER B 231 -10.15 -11.35 11.37
CA SER B 231 -9.68 -10.15 10.68
C SER B 231 -9.39 -10.41 9.20
N TRP B 232 -9.15 -11.67 8.86
CA TRP B 232 -9.10 -12.10 7.48
C TRP B 232 -10.43 -11.83 6.80
N VAL B 233 -10.34 -11.22 5.62
CA VAL B 233 -11.48 -10.91 4.77
C VAL B 233 -11.84 -12.15 3.96
N VAL B 234 -13.07 -12.63 4.08
CA VAL B 234 -13.53 -13.81 3.36
C VAL B 234 -14.64 -13.43 2.40
N GLY B 235 -14.59 -14.00 1.22
CA GLY B 235 -15.77 -14.08 0.37
C GLY B 235 -16.00 -15.54 0.09
N ASP B 236 -17.18 -16.02 0.43
CA ASP B 236 -17.49 -17.43 0.35
C ASP B 236 -18.96 -17.64 0.01
N LYS B 237 -19.25 -18.84 -0.50
CA LYS B 237 -20.61 -19.32 -0.67
C LYS B 237 -20.69 -20.73 -0.12
N THR B 238 -21.45 -20.89 0.93
CA THR B 238 -21.77 -22.18 1.51
C THR B 238 -22.81 -22.92 0.68
N GLY B 239 -22.94 -24.19 0.97
CA GLY B 239 -24.04 -24.99 0.45
C GLY B 239 -24.34 -26.11 1.40
N SER B 240 -25.60 -26.51 1.45
CA SER B 240 -26.00 -27.65 2.26
C SER B 240 -26.95 -28.51 1.44
N GLY B 241 -27.22 -29.73 1.91
CA GLY B 241 -27.86 -30.71 1.07
C GLY B 241 -27.99 -32.06 1.74
N GLY B 242 -28.52 -33.01 0.98
CA GLY B 242 -28.82 -34.31 1.53
C GLY B 242 -27.60 -35.05 1.99
N TYR B 243 -27.82 -36.00 2.90
CA TYR B 243 -26.74 -36.85 3.38
C TYR B 243 -25.70 -36.02 4.14
N GLY B 244 -26.18 -35.10 4.99
CA GLY B 244 -25.33 -34.25 5.78
C GLY B 244 -24.38 -33.39 5.00
N THR B 245 -24.66 -33.13 3.74
CA THR B 245 -23.69 -32.48 2.89
C THR B 245 -23.55 -31.05 3.34
N THR B 246 -22.29 -30.60 3.45
CA THR B 246 -21.94 -29.34 4.09
C THR B 246 -20.71 -28.80 3.36
N ASN B 247 -20.93 -27.83 2.49
CA ASN B 247 -19.89 -27.34 1.61
C ASN B 247 -19.64 -25.86 1.85
N ASP B 248 -18.48 -25.37 1.36
CA ASP B 248 -18.13 -23.95 1.42
C ASP B 248 -17.03 -23.71 0.41
N ILE B 249 -17.15 -22.66 -0.38
CA ILE B 249 -16.08 -22.29 -1.31
C ILE B 249 -15.83 -20.81 -1.14
N ALA B 250 -14.55 -20.41 -1.13
CA ALA B 250 -14.11 -19.21 -0.43
C ALA B 250 -12.91 -18.64 -1.10
N VAL B 251 -12.84 -17.32 -1.08
CA VAL B 251 -11.66 -16.57 -1.45
C VAL B 251 -11.27 -15.64 -0.28
N ILE B 252 -10.05 -15.78 0.17
CA ILE B 252 -9.63 -15.21 1.44
C ILE B 252 -8.45 -14.29 1.22
N TRP B 253 -8.51 -13.11 1.86
CA TRP B 253 -7.39 -12.19 2.03
C TRP B 253 -6.90 -12.24 3.49
N PRO B 254 -5.93 -13.10 3.81
CA PRO B 254 -5.24 -12.95 5.10
C PRO B 254 -4.52 -11.61 5.15
N LYS B 255 -4.40 -11.03 6.33
CA LYS B 255 -3.86 -9.67 6.37
C LYS B 255 -2.42 -9.68 5.85
N ASP B 256 -2.11 -8.68 5.04
CA ASP B 256 -0.77 -8.48 4.49
C ASP B 256 -0.27 -9.76 3.83
N ARG B 257 -1.14 -10.42 3.10
CA ARG B 257 -0.71 -11.60 2.38
CA ARG B 257 -0.71 -11.61 2.38
C ARG B 257 -1.59 -11.76 1.15
N ALA B 258 -1.09 -12.53 0.21
CA ALA B 258 -1.79 -12.80 -1.00
C ALA B 258 -3.03 -13.61 -0.70
N PRO B 259 -4.00 -13.57 -1.59
CA PRO B 259 -5.27 -14.23 -1.31
C PRO B 259 -5.15 -15.72 -1.50
N LEU B 260 -6.02 -16.44 -0.77
CA LEU B 260 -6.29 -17.87 -0.97
C LEU B 260 -7.64 -18.20 -1.60
N ILE B 261 -7.66 -19.25 -2.40
CA ILE B 261 -8.88 -19.94 -2.81
C ILE B 261 -8.99 -21.21 -1.98
N LEU B 262 -10.03 -21.33 -1.19
CA LEU B 262 -10.27 -22.52 -0.36
C LEU B 262 -11.65 -23.07 -0.70
N VAL B 263 -11.73 -24.39 -0.91
CA VAL B 263 -12.97 -25.14 -1.15
C VAL B 263 -12.95 -26.33 -0.21
N THR B 264 -13.96 -26.44 0.64
CA THR B 264 -14.16 -27.60 1.50
C THR B 264 -15.51 -28.22 1.15
N TYR B 265 -15.51 -29.49 0.79
CA TYR B 265 -16.71 -30.25 0.47
C TYR B 265 -16.79 -31.40 1.46
N PHE B 266 -17.93 -31.54 2.14
CA PHE B 266 -18.12 -32.58 3.15
C PHE B 266 -19.46 -33.29 3.02
N THR B 267 -19.44 -34.62 3.07
CA THR B 267 -20.68 -35.38 3.06
C THR B 267 -20.56 -36.64 3.91
N GLN B 268 -21.73 -37.19 4.31
CA GLN B 268 -21.84 -38.27 5.27
C GLN B 268 -22.51 -39.48 4.65
N PRO B 269 -22.58 -40.59 5.38
CA PRO B 269 -23.17 -41.81 4.78
C PRO B 269 -24.69 -41.90 4.92
N GLN B 270 -25.25 -41.36 6.04
CA GLN B 270 -26.67 -41.47 6.35
C GLN B 270 -27.45 -40.29 5.77
N PRO B 271 -28.61 -40.58 5.18
CA PRO B 271 -29.33 -39.57 4.38
C PRO B 271 -29.93 -38.41 5.18
N LYS B 272 -30.36 -38.63 6.40
CA LYS B 272 -30.92 -37.55 7.21
C LYS B 272 -29.90 -37.01 8.19
N ALA B 273 -28.61 -37.04 7.83
CA ALA B 273 -27.56 -36.52 8.69
C ALA B 273 -27.71 -35.02 8.92
N GLU B 274 -27.37 -34.57 10.12
CA GLU B 274 -27.34 -33.14 10.43
C GLU B 274 -26.06 -32.50 9.88
N SER B 275 -26.10 -31.18 9.70
CA SER B 275 -25.09 -30.49 8.91
C SER B 275 -23.87 -30.17 9.78
N ARG B 276 -22.69 -30.47 9.27
CA ARG B 276 -21.48 -30.37 10.08
C ARG B 276 -20.61 -29.20 9.65
N ARG B 277 -21.13 -27.96 9.80
CA ARG B 277 -20.38 -26.80 9.33
C ARG B 277 -19.03 -26.71 10.04
N ASP B 278 -18.97 -27.15 11.30
CA ASP B 278 -17.74 -27.06 12.08
C ASP B 278 -16.63 -27.95 11.52
N VAL B 279 -16.97 -28.99 10.77
CA VAL B 279 -15.91 -29.72 10.11
C VAL B 279 -15.24 -28.87 9.03
N LEU B 280 -15.98 -28.02 8.35
CA LEU B 280 -15.34 -27.14 7.38
C LEU B 280 -14.54 -26.04 8.06
N ALA B 281 -15.00 -25.59 9.22
CA ALA B 281 -14.23 -24.64 10.01
C ALA B 281 -12.87 -25.23 10.40
N SER B 282 -12.88 -26.46 10.91
CA SER B 282 -11.65 -27.09 11.36
C SER B 282 -10.70 -27.34 10.19
N ALA B 283 -11.23 -27.72 9.02
CA ALA B 283 -10.35 -27.93 7.88
C ALA B 283 -9.72 -26.61 7.48
N ALA B 284 -10.55 -25.60 7.27
CA ALA B 284 -10.04 -24.26 7.08
C ALA B 284 -8.85 -24.00 8.00
N LYS B 285 -9.04 -24.17 9.31
CA LYS B 285 -7.95 -23.94 10.26
C LYS B 285 -6.72 -24.77 9.90
N ILE B 286 -6.88 -26.10 9.80
CA ILE B 286 -5.75 -26.98 9.52
C ILE B 286 -4.95 -26.46 8.34
N VAL B 287 -5.62 -26.22 7.21
CA VAL B 287 -4.91 -25.90 5.97
C VAL B 287 -4.42 -24.47 5.92
N THR B 288 -4.69 -23.67 6.96
CA THR B 288 -4.10 -22.36 7.07
C THR B 288 -3.27 -22.18 8.34
N ASP B 289 -2.99 -23.26 9.08
CA ASP B 289 -2.14 -23.17 10.27
C ASP B 289 -0.69 -23.16 9.82
N GLY B 290 -0.02 -22.04 10.06
CA GLY B 290 1.31 -21.82 9.50
C GLY B 290 1.32 -20.81 8.36
N LEU B 291 0.35 -19.89 8.36
CA LEU B 291 0.26 -18.89 7.29
C LEU B 291 0.15 -17.50 7.92
N PRO C 28 22.44 35.31 24.56
CA PRO C 28 22.21 35.85 23.22
C PRO C 28 23.33 35.39 22.28
N LEU C 29 23.16 35.55 20.96
CA LEU C 29 24.17 35.10 19.98
C LEU C 29 25.02 36.30 19.54
N THR C 30 25.32 36.43 18.24
CA THR C 30 26.30 37.40 17.75
C THR C 30 25.64 38.68 17.26
N ALA C 31 26.50 39.71 17.11
CA ALA C 31 26.10 41.07 16.72
C ALA C 31 25.99 41.22 15.20
N ASP C 32 26.94 40.62 14.49
CA ASP C 32 26.98 40.60 13.02
C ASP C 32 25.82 39.81 12.46
N VAL C 33 25.29 38.84 13.20
CA VAL C 33 24.18 38.05 12.68
C VAL C 33 23.10 38.97 12.16
N GLN C 34 22.76 40.01 12.92
CA GLN C 34 21.76 40.95 12.43
C GLN C 34 22.14 41.47 11.04
N GLN C 35 23.42 41.76 10.83
CA GLN C 35 23.82 42.30 9.53
C GLN C 35 23.74 41.24 8.43
N LYS C 36 24.21 40.03 8.71
CA LYS C 36 24.17 38.97 7.68
C LYS C 36 22.73 38.66 7.28
N LEU C 37 21.81 38.57 8.25
CA LEU C 37 20.39 38.41 7.92
C LEU C 37 19.93 39.52 6.98
N ALA C 38 20.07 40.78 7.44
CA ALA C 38 19.67 41.92 6.63
C ALA C 38 20.25 41.84 5.23
N GLU C 39 21.48 41.32 5.10
CA GLU C 39 22.09 41.25 3.76
C GLU C 39 21.52 40.11 2.95
N LEU C 40 21.14 39.01 3.61
CA LEU C 40 20.40 37.96 2.92
C LEU C 40 19.06 38.48 2.42
N GLU C 41 18.35 39.24 3.26
CA GLU C 41 17.07 39.79 2.83
C GLU C 41 17.24 40.70 1.63
N ARG C 42 18.11 41.70 1.75
CA ARG C 42 18.21 42.75 0.74
C ARG C 42 18.62 42.17 -0.61
N GLN C 43 19.65 41.33 -0.62
CA GLN C 43 20.02 40.69 -1.87
C GLN C 43 18.85 39.88 -2.42
N SER C 44 18.15 39.17 -1.55
CA SER C 44 17.02 38.37 -2.01
C SER C 44 15.82 39.23 -2.38
N GLY C 45 15.76 40.48 -1.90
CA GLY C 45 14.69 41.37 -2.24
C GLY C 45 13.38 40.78 -1.80
N GLY C 46 13.26 40.51 -0.49
CA GLY C 46 12.08 39.95 0.10
C GLY C 46 11.86 40.52 1.49
N ARG C 47 11.00 39.88 2.27
CA ARG C 47 10.94 40.16 3.69
C ARG C 47 11.12 38.87 4.46
N LEU C 48 12.06 38.88 5.42
CA LEU C 48 12.51 37.68 6.12
C LEU C 48 12.23 37.78 7.61
N GLY C 49 11.79 36.66 8.17
CA GLY C 49 11.49 36.60 9.60
C GLY C 49 12.22 35.47 10.30
N VAL C 50 12.87 35.75 11.41
CA VAL C 50 13.52 34.65 12.10
C VAL C 50 13.32 34.77 13.60
N ALA C 51 13.19 33.61 14.23
CA ALA C 51 13.22 33.54 15.69
C ALA C 51 13.86 32.21 16.03
N LEU C 52 15.03 32.26 16.63
CA LEU C 52 15.66 31.07 17.15
C LEU C 52 15.62 31.11 18.67
N ILE C 53 15.41 29.95 19.27
CA ILE C 53 15.55 29.76 20.70
C ILE C 53 16.61 28.68 20.89
N ASN C 54 17.57 28.97 21.77
CA ASN C 54 18.54 27.98 22.20
C ASN C 54 18.10 27.48 23.56
N THR C 55 17.61 26.25 23.64
CA THR C 55 17.23 25.73 24.95
C THR C 55 18.44 25.60 25.89
N ALA C 56 19.66 25.63 25.38
CA ALA C 56 20.81 25.55 26.27
C ALA C 56 20.73 26.64 27.34
N ASP C 57 20.30 27.84 26.94
CA ASP C 57 20.24 28.98 27.87
C ASP C 57 18.98 29.82 27.70
N ASN C 58 18.09 29.48 26.75
CA ASN C 58 16.88 30.25 26.47
C ASN C 58 17.18 31.61 25.84
N SER C 59 18.34 31.74 25.24
CA SER C 59 18.64 32.97 24.53
C SER C 59 17.97 32.90 23.16
N GLN C 60 17.73 34.05 22.57
CA GLN C 60 16.91 34.12 21.37
C GLN C 60 17.54 35.00 20.31
N ILE C 61 17.44 34.56 19.06
CA ILE C 61 17.91 35.33 17.90
C ILE C 61 16.68 35.72 17.07
N LEU C 62 16.46 37.02 16.93
CA LEU C 62 15.21 37.59 16.44
C LEU C 62 15.50 38.54 15.30
N TYR C 63 14.99 38.23 14.12
CA TYR C 63 15.03 39.14 12.99
C TYR C 63 13.59 39.34 12.53
N ARG C 64 13.08 40.56 12.68
CA ARG C 64 11.73 40.91 12.24
C ARG C 64 10.68 40.03 12.89
N ALA C 65 10.94 39.61 14.12
CA ALA C 65 10.24 38.49 14.70
C ALA C 65 8.87 38.85 15.20
N ASP C 66 8.55 40.13 15.30
CA ASP C 66 7.25 40.55 15.80
C ASP C 66 6.26 40.80 14.67
N GLU C 67 6.79 40.90 13.44
CA GLU C 67 6.00 41.10 12.24
C GLU C 67 5.27 39.83 11.84
N ARG C 68 4.16 40.02 11.13
CA ARG C 68 3.27 38.95 10.71
C ARG C 68 3.70 38.39 9.37
N PHE C 69 3.63 37.07 9.23
CA PHE C 69 3.84 36.42 7.95
C PHE C 69 2.72 35.41 7.74
N ALA C 70 2.53 35.03 6.48
CA ALA C 70 1.43 34.17 6.08
C ALA C 70 1.82 32.71 6.28
N MET C 71 1.37 32.14 7.41
CA MET C 71 1.85 30.82 7.84
C MET C 71 1.87 29.80 6.73
N CYS C 72 0.82 29.75 5.92
CA CYS C 72 0.67 28.73 4.85
C CYS C 72 0.67 27.37 5.53
N SER C 73 1.36 26.36 4.98
CA SER C 73 1.30 25.00 5.49
C SER C 73 1.93 24.83 6.87
N THR C 74 2.79 25.75 7.31
CA THR C 74 3.35 25.60 8.66
C THR C 74 2.25 25.62 9.72
N SER C 75 1.09 26.22 9.42
CA SER C 75 -0.05 26.15 10.32
C SER C 75 -0.59 24.74 10.43
N LYS C 76 -0.16 23.81 9.59
CA LYS C 76 -0.61 22.44 9.76
C LYS C 76 -0.20 21.90 11.12
N VAL C 77 1.05 22.19 11.53
CA VAL C 77 1.52 21.77 12.85
C VAL C 77 0.48 22.16 13.91
N MET C 78 -0.09 23.38 13.79
CA MET C 78 -0.99 23.90 14.83
C MET C 78 -2.35 23.17 14.84
N ALA C 79 -2.87 22.82 13.65
CA ALA C 79 -4.12 22.07 13.57
C ALA C 79 -3.95 20.65 14.11
N ALA C 80 -2.91 19.95 13.65
CA ALA C 80 -2.61 18.64 14.25
C ALA C 80 -2.47 18.73 15.77
N ALA C 81 -1.78 19.75 16.24
CA ALA C 81 -1.63 19.93 17.67
C ALA C 81 -3.00 19.99 18.36
N ALA C 82 -3.94 20.71 17.74
CA ALA C 82 -5.24 20.89 18.38
C ALA C 82 -5.97 19.59 18.48
N VAL C 83 -5.86 18.76 17.46
CA VAL C 83 -6.44 17.42 17.53
C VAL C 83 -5.71 16.64 18.61
N LEU C 84 -4.42 16.92 18.80
CA LEU C 84 -3.69 16.18 19.83
C LEU C 84 -4.19 16.54 21.21
N LYS C 85 -4.40 17.84 21.47
CA LYS C 85 -4.87 18.29 22.77
C LYS C 85 -6.32 17.89 23.03
N LYS C 86 -7.16 17.73 21.99
CA LYS C 86 -8.50 17.20 22.24
C LYS C 86 -8.47 15.70 22.48
N SER C 87 -7.52 14.97 21.87
CA SER C 87 -7.37 13.54 22.18
C SER C 87 -7.15 13.29 23.66
N GLU C 88 -6.70 14.30 24.40
CA GLU C 88 -6.41 14.13 25.83
C GLU C 88 -7.70 13.97 26.63
N SER C 89 -8.75 14.66 26.20
CA SER C 89 -10.08 14.50 26.78
C SER C 89 -10.93 13.49 26.01
N GLU C 90 -10.63 13.22 24.75
CA GLU C 90 -11.42 12.20 24.06
C GLU C 90 -10.50 11.03 23.75
N PRO C 91 -10.30 10.13 24.73
CA PRO C 91 -9.13 9.26 24.74
C PRO C 91 -8.80 8.62 23.41
N ASN C 92 -9.79 8.17 22.68
CA ASN C 92 -9.43 7.64 21.38
C ASN C 92 -9.20 8.78 20.38
N LEU C 93 -10.19 9.07 19.53
CA LEU C 93 -10.16 10.21 18.63
C LEU C 93 -9.14 10.14 17.51
N LEU C 94 -7.95 9.65 17.80
CA LEU C 94 -6.97 9.48 16.73
C LEU C 94 -7.37 8.34 15.81
N ASN C 95 -8.18 7.40 16.30
CA ASN C 95 -8.66 6.31 15.48
C ASN C 95 -10.03 6.56 14.90
N GLN C 96 -10.62 7.73 15.14
CA GLN C 96 -11.82 8.15 14.46
C GLN C 96 -11.61 8.11 12.96
N ARG C 97 -12.41 7.28 12.28
CA ARG C 97 -12.39 7.29 10.84
C ARG C 97 -13.11 8.53 10.30
N VAL C 98 -12.58 9.08 9.21
CA VAL C 98 -13.20 10.18 8.50
C VAL C 98 -13.39 9.74 7.05
N GLU C 99 -14.48 10.17 6.43
CA GLU C 99 -14.74 9.79 5.05
C GLU C 99 -14.13 10.83 4.11
N ILE C 100 -13.58 10.36 3.01
CA ILE C 100 -13.02 11.26 2.00
C ILE C 100 -13.85 11.10 0.73
N LYS C 101 -14.57 12.17 0.40
CA LYS C 101 -15.48 12.21 -0.73
C LYS C 101 -14.70 12.68 -1.93
N LYS C 102 -15.13 12.25 -3.13
CA LYS C 102 -14.54 12.79 -4.34
C LYS C 102 -14.59 14.31 -4.30
N SER C 103 -15.60 14.89 -3.62
CA SER C 103 -15.72 16.33 -3.49
C SER C 103 -14.71 16.94 -2.51
N ASP C 104 -14.15 16.14 -1.61
CA ASP C 104 -13.21 16.69 -0.67
C ASP C 104 -11.91 17.15 -1.32
N LEU C 105 -11.60 16.63 -2.53
CA LEU C 105 -10.31 16.86 -3.15
C LEU C 105 -10.12 18.33 -3.53
N VAL C 106 -8.96 18.86 -3.15
CA VAL C 106 -8.58 20.24 -3.37
C VAL C 106 -7.26 20.18 -4.15
N ASN C 107 -6.54 21.31 -4.17
CA ASN C 107 -5.43 21.48 -5.11
C ASN C 107 -4.27 20.52 -4.88
N TYR C 108 -4.12 19.99 -3.68
CA TYR C 108 -2.98 19.13 -3.42
C TYR C 108 -3.37 18.23 -2.26
N ASN C 109 -2.98 16.96 -2.31
CA ASN C 109 -3.52 15.94 -1.41
C ASN C 109 -3.09 14.54 -1.82
N PRO C 110 -1.78 14.28 -1.84
CA PRO C 110 -1.27 13.03 -2.40
C PRO C 110 -1.58 11.81 -1.58
N ILE C 111 -2.12 11.99 -0.39
CA ILE C 111 -2.46 10.87 0.48
C ILE C 111 -3.96 10.60 0.51
N ALA C 112 -4.80 11.63 0.38
CA ALA C 112 -6.24 11.42 0.43
C ALA C 112 -6.81 10.90 -0.87
N GLU C 113 -6.12 11.18 -1.99
CA GLU C 113 -6.56 10.65 -3.29
C GLU C 113 -6.55 9.13 -3.29
N LYS C 114 -5.81 8.53 -2.36
CA LYS C 114 -5.64 7.08 -2.23
C LYS C 114 -6.71 6.47 -1.35
N HIS C 115 -7.63 7.27 -0.85
CA HIS C 115 -8.72 6.80 0.01
C HIS C 115 -10.02 7.50 -0.40
N VAL C 116 -10.18 7.80 -1.69
CA VAL C 116 -11.43 8.42 -2.16
C VAL C 116 -12.53 7.40 -2.02
N ASN C 117 -13.67 7.83 -1.44
CA ASN C 117 -14.78 6.95 -1.11
C ASN C 117 -14.35 5.85 -0.15
N GLY C 118 -13.34 6.18 0.66
CA GLY C 118 -12.97 5.34 1.78
C GLY C 118 -12.84 6.23 2.99
N THR C 119 -12.05 5.85 3.97
CA THR C 119 -11.84 6.68 5.15
C THR C 119 -10.37 6.77 5.54
N MET C 120 -10.06 7.69 6.45
CA MET C 120 -8.80 7.61 7.17
C MET C 120 -8.99 7.99 8.64
N SER C 121 -8.24 7.31 9.50
CA SER C 121 -8.15 7.72 10.90
C SER C 121 -7.61 9.14 11.00
N LEU C 122 -7.97 9.81 12.10
CA LEU C 122 -7.47 11.16 12.28
C LEU C 122 -5.95 11.15 12.51
N ALA C 123 -5.39 10.04 13.02
CA ALA C 123 -3.92 9.92 13.05
C ALA C 123 -3.36 9.88 11.64
N GLU C 124 -4.01 9.12 10.74
CA GLU C 124 -3.49 9.00 9.39
C GLU C 124 -3.52 10.34 8.70
N LEU C 125 -4.60 11.08 8.88
CA LEU C 125 -4.67 12.42 8.29
C LEU C 125 -3.62 13.35 8.88
N SER C 126 -3.36 13.25 10.19
CA SER C 126 -2.36 14.12 10.81
C SER C 126 -1.00 13.92 10.18
N ALA C 127 -0.54 12.66 10.14
CA ALA C 127 0.67 12.33 9.39
C ALA C 127 0.65 12.95 8.00
N ALA C 128 -0.39 12.67 7.22
CA ALA C 128 -0.41 13.11 5.84
C ALA C 128 -0.33 14.61 5.77
N ALA C 129 -1.01 15.30 6.70
CA ALA C 129 -0.83 16.75 6.77
C ALA C 129 0.62 17.15 7.09
N LEU C 130 1.20 16.59 8.15
CA LEU C 130 2.47 17.13 8.62
C LEU C 130 3.59 16.69 7.71
N GLN C 131 3.43 15.52 7.07
CA GLN C 131 4.55 14.89 6.40
C GLN C 131 4.50 15.03 4.90
N TYR C 132 3.31 15.15 4.32
CA TYR C 132 3.16 15.37 2.91
C TYR C 132 2.36 16.61 2.58
N SER C 133 2.00 17.39 3.57
CA SER C 133 1.42 18.71 3.31
C SER C 133 0.10 18.58 2.54
N ASP C 134 -0.59 17.45 2.76
CA ASP C 134 -1.90 17.13 2.18
C ASP C 134 -2.92 18.14 2.67
N ASN C 135 -3.36 19.02 1.75
CA ASN C 135 -4.32 20.09 2.06
C ASN C 135 -5.72 19.56 2.41
N VAL C 136 -6.06 18.34 2.00
CA VAL C 136 -7.32 17.74 2.43
C VAL C 136 -7.24 17.31 3.88
N ALA C 137 -6.13 16.66 4.27
CA ALA C 137 -5.93 16.33 5.69
C ALA C 137 -6.06 17.58 6.54
N MET C 138 -5.43 18.67 6.13
CA MET C 138 -5.57 19.92 6.87
C MET C 138 -7.03 20.22 7.07
N ASN C 139 -7.77 20.32 5.99
CA ASN C 139 -9.17 20.72 6.09
C ASN C 139 -9.92 19.83 7.07
N LYS C 140 -9.69 18.53 6.99
CA LYS C 140 -10.40 17.63 7.90
C LYS C 140 -9.99 17.87 9.36
N LEU C 141 -8.70 18.00 9.63
CA LEU C 141 -8.27 18.33 10.98
C LEU C 141 -8.92 19.60 11.46
N ILE C 142 -8.86 20.64 10.62
CA ILE C 142 -9.59 21.87 10.92
C ILE C 142 -11.02 21.54 11.28
N ALA C 143 -11.66 20.75 10.43
CA ALA C 143 -13.10 20.52 10.60
C ALA C 143 -13.35 19.86 11.93
N HIS C 144 -12.50 18.93 12.32
CA HIS C 144 -12.80 18.19 13.53
C HIS C 144 -12.84 19.07 14.76
N VAL C 145 -12.06 20.15 14.77
CA VAL C 145 -11.93 20.97 15.97
C VAL C 145 -12.83 22.18 15.92
N GLY C 146 -13.41 22.49 14.78
CA GLY C 146 -14.56 23.38 14.76
C GLY C 146 -14.37 24.47 13.74
N GLY C 147 -13.42 24.27 12.84
CA GLY C 147 -13.08 25.29 11.88
C GLY C 147 -12.04 26.27 12.40
N PRO C 148 -11.53 27.14 11.53
CA PRO C 148 -10.32 27.90 11.87
C PRO C 148 -10.37 28.66 13.20
N ALA C 149 -11.48 29.32 13.48
CA ALA C 149 -11.60 30.05 14.74
C ALA C 149 -11.26 29.15 15.93
N SER C 150 -11.73 27.89 15.92
CA SER C 150 -11.48 26.96 17.01
CA SER C 150 -11.46 27.00 17.04
C SER C 150 -10.07 26.39 16.98
N VAL C 151 -9.34 26.59 15.89
CA VAL C 151 -7.91 26.31 15.92
C VAL C 151 -7.15 27.50 16.52
N THR C 152 -7.53 28.72 16.17
CA THR C 152 -7.03 29.88 16.86
C THR C 152 -7.24 29.72 18.36
N ALA C 153 -8.45 29.33 18.76
CA ALA C 153 -8.77 29.27 20.17
C ALA C 153 -7.80 28.38 20.94
N PHE C 154 -7.25 27.37 20.27
CA PHE C 154 -6.23 26.50 20.88
C PHE C 154 -4.98 27.29 21.22
N ALA C 155 -4.53 28.15 20.30
CA ALA C 155 -3.32 28.90 20.52
C ALA C 155 -3.53 29.86 21.67
N ARG C 156 -4.70 30.49 21.73
CA ARG C 156 -5.01 31.36 22.88
C ARG C 156 -4.92 30.60 24.19
N GLN C 157 -5.39 29.35 24.21
CA GLN C 157 -5.26 28.55 25.40
C GLN C 157 -3.80 28.15 25.68
N LEU C 158 -2.95 28.12 24.67
CA LEU C 158 -1.52 27.99 24.88
C LEU C 158 -0.83 29.34 25.09
N GLY C 159 -1.62 30.39 25.33
CA GLY C 159 -1.13 31.73 25.44
C GLY C 159 -0.48 32.31 24.20
N ASP C 160 -0.64 31.69 23.04
CA ASP C 160 -0.27 32.37 21.80
C ASP C 160 -1.39 33.36 21.51
N GLU C 161 -1.11 34.65 21.57
CA GLU C 161 -2.13 35.65 21.30
C GLU C 161 -1.96 36.26 19.92
N THR C 162 -0.97 35.82 19.17
CA THR C 162 -0.65 36.38 17.87
C THR C 162 -1.28 35.57 16.76
N PHE C 163 -1.00 34.27 16.76
CA PHE C 163 -1.56 33.35 15.78
C PHE C 163 -3.04 33.59 15.50
N ARG C 164 -3.40 33.43 14.23
CA ARG C 164 -4.80 33.48 13.82
C ARG C 164 -4.92 32.68 12.53
N LEU C 165 -5.82 31.70 12.55
CA LEU C 165 -6.22 30.92 11.39
C LEU C 165 -7.62 31.37 11.02
N ASP C 166 -7.80 31.75 9.76
CA ASP C 166 -9.00 32.41 9.29
C ASP C 166 -9.68 31.65 8.17
N ARG C 167 -8.94 30.78 7.50
CA ARG C 167 -9.36 30.17 6.26
C ARG C 167 -8.90 28.73 6.23
N THR C 168 -9.31 28.05 5.19
CA THR C 168 -9.11 26.65 4.98
C THR C 168 -8.23 26.46 3.75
N GLU C 169 -7.95 25.23 3.45
CA GLU C 169 -7.23 24.90 2.24
C GLU C 169 -8.20 24.98 1.07
N PRO C 170 -7.86 25.65 -0.04
CA PRO C 170 -6.54 26.23 -0.35
C PRO C 170 -6.29 27.68 -0.05
N THR C 171 -7.33 28.45 0.27
CA THR C 171 -7.20 29.91 0.24
C THR C 171 -6.24 30.47 1.29
N LEU C 172 -6.03 29.79 2.43
CA LEU C 172 -5.23 30.43 3.47
C LEU C 172 -3.81 30.72 3.00
N ASN C 173 -3.42 30.17 1.85
CA ASN C 173 -2.11 30.31 1.26
C ASN C 173 -1.95 31.53 0.35
N THR C 174 -2.90 32.47 0.35
CA THR C 174 -2.77 33.59 -0.59
C THR C 174 -1.52 34.43 -0.28
N ALA C 175 -1.26 34.68 1.00
CA ALA C 175 -0.03 35.36 1.38
C ALA C 175 -0.04 36.81 0.88
N ILE C 176 -1.17 37.47 1.04
CA ILE C 176 -1.30 38.80 0.51
C ILE C 176 -0.62 39.79 1.45
N PRO C 177 0.34 40.55 0.94
CA PRO C 177 0.92 41.62 1.75
C PRO C 177 -0.16 42.56 2.19
N GLY C 178 -0.01 43.03 3.43
CA GLY C 178 -1.02 43.80 4.07
C GLY C 178 -2.11 42.97 4.68
N ASP C 179 -2.16 41.67 4.37
CA ASP C 179 -3.27 40.86 4.81
C ASP C 179 -2.95 40.09 6.08
N PRO C 180 -3.63 40.38 7.19
CA PRO C 180 -3.31 39.71 8.45
C PRO C 180 -3.94 38.34 8.64
N ARG C 181 -4.52 37.78 7.58
CA ARG C 181 -5.24 36.52 7.72
C ARG C 181 -4.25 35.37 7.66
N ASP C 182 -4.45 34.41 8.57
CA ASP C 182 -3.63 33.21 8.60
C ASP C 182 -2.16 33.61 8.77
N THR C 183 -1.89 34.54 9.70
CA THR C 183 -0.53 34.99 9.98
C THR C 183 -0.18 34.81 11.46
N THR C 184 1.14 34.66 11.71
CA THR C 184 1.73 34.70 13.05
C THR C 184 3.04 35.44 12.91
N SER C 185 3.62 35.80 14.04
CA SER C 185 4.94 36.39 14.08
C SER C 185 6.01 35.32 14.28
N PRO C 186 7.22 35.59 13.88
CA PRO C 186 8.28 34.60 14.18
C PRO C 186 8.42 34.34 15.66
N ARG C 187 8.48 35.41 16.46
CA ARG C 187 8.46 35.23 17.91
C ARG C 187 7.34 34.31 18.37
N ALA C 188 6.09 34.54 17.92
CA ALA C 188 4.97 33.79 18.48
C ALA C 188 5.09 32.31 18.14
N MET C 189 5.44 31.99 16.89
CA MET C 189 5.51 30.60 16.48
C MET C 189 6.61 29.84 17.20
N ALA C 190 7.80 30.45 17.34
CA ALA C 190 8.93 29.75 17.96
C ALA C 190 8.61 29.35 19.39
N GLN C 191 7.99 30.23 20.15
CA GLN C 191 7.58 29.88 21.51
C GLN C 191 6.49 28.81 21.53
N THR C 192 5.43 29.01 20.75
CA THR C 192 4.37 28.02 20.69
C THR C 192 4.93 26.67 20.27
N LEU C 193 5.78 26.65 19.25
CA LEU C 193 6.40 25.41 18.80
C LEU C 193 7.28 24.80 19.90
N ARG C 194 7.96 25.64 20.69
CA ARG C 194 8.74 25.12 21.79
C ARG C 194 7.83 24.45 22.81
N ASN C 195 6.78 25.15 23.22
CA ASN C 195 5.82 24.58 24.17
C ASN C 195 5.37 23.22 23.72
N LEU C 196 5.07 23.09 22.41
CA LEU C 196 4.46 21.87 21.92
C LEU C 196 5.47 20.73 21.85
N THR C 197 6.71 21.00 21.42
CA THR C 197 7.61 19.89 21.09
C THR C 197 8.56 19.55 22.20
N LEU C 198 8.82 20.52 23.06
CA LEU C 198 9.74 20.40 24.17
C LEU C 198 9.08 20.72 25.46
N GLY C 199 8.01 21.50 25.44
CA GLY C 199 7.32 21.92 26.66
C GLY C 199 6.16 21.02 27.02
N LYS C 200 5.22 21.62 27.75
CA LYS C 200 4.13 20.89 28.37
C LYS C 200 2.76 21.28 27.83
N ALA C 201 2.68 22.00 26.73
CA ALA C 201 1.40 22.29 26.09
C ALA C 201 0.59 21.01 25.83
N LEU C 202 1.29 19.92 25.52
CA LEU C 202 0.69 18.63 25.21
C LEU C 202 1.09 17.59 26.26
N GLY C 203 0.25 16.58 26.42
CA GLY C 203 0.61 15.43 27.24
C GLY C 203 1.88 14.77 26.72
N ASP C 204 2.41 13.88 27.55
CA ASP C 204 3.68 13.27 27.19
C ASP C 204 3.56 12.46 25.91
N SER C 205 2.49 11.66 25.78
CA SER C 205 2.30 10.87 24.56
C SER C 205 2.09 11.76 23.36
N GLN C 206 1.25 12.78 23.50
CA GLN C 206 1.00 13.70 22.39
C GLN C 206 2.25 14.49 22.00
N ARG C 207 3.03 14.95 22.97
CA ARG C 207 4.29 15.60 22.61
CA ARG C 207 4.27 15.60 22.59
C ARG C 207 5.09 14.68 21.72
N ALA C 208 5.28 13.45 22.17
CA ALA C 208 6.07 12.48 21.43
C ALA C 208 5.53 12.27 20.03
N GLN C 209 4.23 12.01 19.94
CA GLN C 209 3.61 11.76 18.65
C GLN C 209 3.81 12.93 17.70
N LEU C 210 3.60 14.14 18.21
CA LEU C 210 3.81 15.32 17.37
C LEU C 210 5.24 15.38 16.86
N VAL C 211 6.21 15.21 17.75
CA VAL C 211 7.61 15.21 17.32
C VAL C 211 7.84 14.14 16.28
N THR C 212 7.33 12.92 16.56
CA THR C 212 7.47 11.81 15.60
C THR C 212 6.93 12.17 14.23
N TRP C 213 5.85 12.94 14.19
CA TRP C 213 5.26 13.30 12.91
C TRP C 213 6.17 14.29 12.18
N MET C 214 6.71 15.25 12.91
CA MET C 214 7.50 16.22 12.22
C MET C 214 8.84 15.64 11.85
N LYS C 215 9.42 14.77 12.69
CA LYS C 215 10.71 14.22 12.31
C LYS C 215 10.58 13.48 10.99
N GLY C 216 9.38 12.94 10.70
CA GLY C 216 9.08 12.25 9.45
C GLY C 216 8.52 13.12 8.32
N ASN C 217 8.80 14.42 8.33
CA ASN C 217 8.45 15.25 7.19
C ASN C 217 9.33 14.95 5.97
N THR C 218 8.69 14.91 4.80
CA THR C 218 9.37 14.62 3.54
C THR C 218 9.52 15.82 2.63
N THR C 219 8.92 16.97 2.95
CA THR C 219 8.95 18.12 2.05
C THR C 219 10.04 19.14 2.36
N GLY C 220 10.81 18.97 3.45
CA GLY C 220 11.63 20.05 3.96
C GLY C 220 13.11 20.04 3.61
N ALA C 221 13.55 19.19 2.69
CA ALA C 221 14.99 19.01 2.54
C ALA C 221 15.69 20.32 2.20
N ALA C 222 15.06 21.16 1.40
CA ALA C 222 15.72 22.28 0.80
C ALA C 222 15.63 23.55 1.59
N SER C 223 14.89 23.56 2.69
CA SER C 223 14.75 24.78 3.50
C SER C 223 15.78 24.71 4.63
N ILE C 224 15.31 24.61 5.88
CA ILE C 224 16.22 24.72 7.00
C ILE C 224 17.19 23.56 7.00
N GLN C 225 16.70 22.33 6.86
CA GLN C 225 17.60 21.18 6.82
C GLN C 225 18.82 21.42 5.91
N ALA C 226 18.65 22.21 4.86
CA ALA C 226 19.77 22.49 3.98
C ALA C 226 20.76 23.45 4.62
N GLY C 227 20.31 24.28 5.57
CA GLY C 227 21.14 25.28 6.20
C GLY C 227 21.91 24.79 7.42
N LEU C 228 21.76 23.51 7.75
CA LEU C 228 22.29 22.95 8.98
C LEU C 228 23.31 21.87 8.68
N PRO C 229 24.30 21.69 9.57
CA PRO C 229 25.11 20.45 9.55
C PRO C 229 24.28 19.21 9.36
N ALA C 230 24.79 18.26 8.59
CA ALA C 230 24.00 17.12 8.20
C ALA C 230 23.81 16.14 9.32
N SER C 231 24.64 16.22 10.37
CA SER C 231 24.51 15.31 11.49
C SER C 231 23.33 15.69 12.37
N TRP C 232 22.84 16.94 12.23
CA TRP C 232 21.75 17.42 13.08
C TRP C 232 20.40 16.82 12.71
N VAL C 233 19.61 16.49 13.74
CA VAL C 233 18.30 15.87 13.58
C VAL C 233 17.23 16.94 13.60
N VAL C 234 16.28 16.85 12.67
CA VAL C 234 15.32 17.92 12.45
C VAL C 234 13.92 17.34 12.39
N GLY C 235 13.01 17.93 13.17
CA GLY C 235 11.61 17.91 12.85
C GLY C 235 11.22 19.26 12.24
N ASP C 236 10.64 19.22 11.04
CA ASP C 236 10.10 20.49 10.59
C ASP C 236 8.82 20.37 9.80
N LYS C 237 8.25 21.54 9.51
CA LYS C 237 7.10 21.68 8.63
C LYS C 237 7.33 22.89 7.75
N THR C 238 7.20 22.68 6.44
CA THR C 238 7.47 23.72 5.46
C THR C 238 6.16 24.40 5.06
N GLY C 239 6.24 25.27 4.08
CA GLY C 239 5.10 26.04 3.65
C GLY C 239 5.41 26.92 2.48
N SER C 240 4.50 26.99 1.51
CA SER C 240 4.68 27.87 0.35
C SER C 240 3.43 28.71 0.17
N GLY C 241 3.37 29.48 -0.90
CA GLY C 241 2.25 30.37 -1.10
C GLY C 241 2.53 31.39 -2.19
N GLY C 242 1.52 32.22 -2.43
CA GLY C 242 1.68 33.29 -3.38
C GLY C 242 2.73 34.26 -2.89
N TYR C 243 3.01 35.27 -3.71
CA TYR C 243 3.98 36.28 -3.32
C TYR C 243 5.29 35.59 -2.92
N GLY C 244 5.61 34.54 -3.67
CA GLY C 244 6.80 33.76 -3.43
C GLY C 244 7.08 33.45 -1.98
N THR C 245 6.04 33.16 -1.20
CA THR C 245 6.19 32.84 0.21
C THR C 245 6.82 31.46 0.37
N THR C 246 7.77 31.38 1.30
CA THR C 246 8.51 30.16 1.57
C THR C 246 8.81 30.18 3.05
N ASN C 247 8.33 29.15 3.78
CA ASN C 247 8.39 29.16 5.23
C ASN C 247 8.86 27.81 5.75
N ASP C 248 9.37 27.83 6.99
CA ASP C 248 9.80 26.62 7.69
C ASP C 248 9.86 26.91 9.20
N ILE C 249 9.35 25.95 9.96
CA ILE C 249 9.36 25.96 11.41
C ILE C 249 9.93 24.64 11.86
N ALA C 250 10.87 24.67 12.80
CA ALA C 250 11.64 23.48 13.08
C ALA C 250 12.02 23.33 14.56
N VAL C 251 12.01 22.08 15.02
CA VAL C 251 12.65 21.66 16.25
C VAL C 251 13.89 20.86 15.86
N ILE C 252 15.02 21.10 16.54
CA ILE C 252 16.35 20.72 16.07
C ILE C 252 17.20 20.20 17.23
N TRP C 253 17.66 18.96 17.13
CA TRP C 253 18.61 18.32 18.02
C TRP C 253 20.02 18.19 17.40
N PRO C 254 20.82 19.24 17.43
CA PRO C 254 22.23 19.06 17.05
C PRO C 254 22.87 18.01 17.92
N LYS C 255 23.87 17.31 17.37
CA LYS C 255 24.57 16.24 18.10
C LYS C 255 25.16 16.78 19.41
N ASP C 256 24.82 16.08 20.51
CA ASP C 256 25.23 16.42 21.87
C ASP C 256 25.02 17.88 22.25
N ARG C 257 24.04 18.52 21.67
CA ARG C 257 23.72 19.91 21.97
CA ARG C 257 23.72 19.90 22.00
C ARG C 257 22.26 19.98 22.41
N ALA C 258 21.99 20.75 23.44
CA ALA C 258 20.58 20.98 23.82
C ALA C 258 19.81 21.49 22.60
N PRO C 259 18.55 21.13 22.45
CA PRO C 259 17.85 21.38 21.17
C PRO C 259 17.57 22.85 20.88
N LEU C 260 17.16 23.08 19.62
CA LEU C 260 16.79 24.41 19.16
C LEU C 260 15.44 24.43 18.45
N ILE C 261 14.79 25.59 18.55
CA ILE C 261 13.58 25.93 17.81
C ILE C 261 13.93 27.00 16.80
N LEU C 262 13.53 26.82 15.55
CA LEU C 262 13.95 27.77 14.52
C LEU C 262 12.82 27.99 13.55
N VAL C 263 12.28 29.21 13.55
CA VAL C 263 11.26 29.65 12.61
C VAL C 263 11.89 30.57 11.58
N THR C 264 11.67 30.24 10.30
CA THR C 264 12.16 31.04 9.18
C THR C 264 11.02 31.37 8.24
N TYR C 265 10.55 32.61 8.27
CA TYR C 265 9.50 33.09 7.38
C TYR C 265 10.06 33.99 6.28
N PHE C 266 9.63 33.76 5.04
CA PHE C 266 10.08 34.53 3.89
C PHE C 266 8.91 34.84 2.98
N THR C 267 8.76 36.12 2.61
CA THR C 267 7.81 36.50 1.58
C THR C 267 8.35 37.62 0.69
N GLN C 268 7.86 37.63 -0.54
CA GLN C 268 8.33 38.48 -1.62
C GLN C 268 7.18 39.34 -2.11
N PRO C 269 7.46 40.36 -2.89
CA PRO C 269 6.40 41.33 -3.21
C PRO C 269 5.74 41.15 -4.58
N GLN C 270 6.25 40.23 -5.41
CA GLN C 270 5.70 39.96 -6.74
C GLN C 270 4.82 38.72 -6.71
N PRO C 271 3.50 38.85 -6.92
CA PRO C 271 2.59 37.72 -6.67
C PRO C 271 3.04 36.42 -7.31
N LYS C 272 3.73 36.46 -8.44
CA LYS C 272 4.22 35.27 -9.11
C LYS C 272 5.72 35.02 -8.87
N ALA C 273 6.27 35.57 -7.80
CA ALA C 273 7.61 35.19 -7.37
C ALA C 273 7.66 33.70 -7.05
N GLU C 274 8.65 33.01 -7.63
CA GLU C 274 8.85 31.60 -7.36
C GLU C 274 9.27 31.35 -5.90
N SER C 275 9.40 30.08 -5.51
CA SER C 275 9.76 29.76 -4.14
C SER C 275 11.27 29.88 -3.98
N ARG C 276 11.69 30.37 -2.81
CA ARG C 276 13.10 30.59 -2.46
C ARG C 276 13.42 29.80 -1.20
N ARG C 277 13.48 28.49 -1.33
CA ARG C 277 13.80 27.69 -0.17
C ARG C 277 15.23 27.99 0.30
N ASP C 278 16.17 28.09 -0.63
CA ASP C 278 17.57 28.36 -0.28
C ASP C 278 17.69 29.56 0.64
N VAL C 279 16.84 30.57 0.49
CA VAL C 279 16.89 31.68 1.42
C VAL C 279 16.69 31.19 2.85
N LEU C 280 15.80 30.20 3.05
CA LEU C 280 15.59 29.68 4.39
C LEU C 280 16.82 28.93 4.89
N ALA C 281 17.44 28.14 4.03
CA ALA C 281 18.63 27.42 4.48
C ALA C 281 19.73 28.38 4.83
N SER C 282 19.93 29.41 4.00
CA SER C 282 20.87 30.47 4.36
C SER C 282 20.52 31.04 5.72
N ALA C 283 19.28 31.53 5.92
CA ALA C 283 18.91 32.04 7.24
C ALA C 283 19.28 31.02 8.31
N ALA C 284 19.02 29.75 8.04
CA ALA C 284 19.37 28.73 9.01
C ALA C 284 20.87 28.73 9.30
N LYS C 285 21.71 28.69 8.26
CA LYS C 285 23.14 28.61 8.49
C LYS C 285 23.64 29.83 9.26
N ILE C 286 23.19 31.01 8.89
CA ILE C 286 23.64 32.24 9.51
C ILE C 286 23.28 32.31 10.99
N VAL C 287 22.15 31.74 11.40
CA VAL C 287 21.71 31.92 12.78
C VAL C 287 22.01 30.70 13.62
N THR C 288 22.48 29.62 13.01
CA THR C 288 23.04 28.48 13.73
C THR C 288 24.56 28.44 13.67
N ASP C 289 25.19 29.23 12.80
CA ASP C 289 26.64 29.32 12.72
C ASP C 289 27.21 29.71 14.07
N GLY C 290 28.04 28.88 14.61
CA GLY C 290 28.63 29.23 15.89
C GLY C 290 27.61 29.60 16.98
N LEU C 291 26.62 28.74 17.19
CA LEU C 291 25.82 28.79 18.41
C LEU C 291 26.68 28.21 19.53
S SO4 D . 16.60 7.10 -6.37
O1 SO4 D . 16.06 6.31 -7.49
O2 SO4 D . 16.58 8.46 -6.91
O3 SO4 D . 15.76 7.14 -5.14
O4 SO4 D . 17.97 6.60 -6.10
S SO4 E . -26.47 -22.75 2.42
O1 SO4 E . -27.46 -23.79 2.10
O2 SO4 E . -27.07 -21.47 2.82
O3 SO4 E . -25.50 -23.11 3.47
O4 SO4 E . -25.68 -22.55 1.22
S SO4 F . 4.65 22.62 1.17
O1 SO4 F . 3.38 22.22 0.57
O2 SO4 F . 4.56 24.03 1.55
O3 SO4 F . 4.95 21.78 2.35
O4 SO4 F . 5.77 22.41 0.24
#